data_1JZC
# 
_entry.id   1JZC 
# 
_audit_conform.dict_name       mmcif_pdbx.dic 
_audit_conform.dict_version    5.392 
_audit_conform.dict_location   http://mmcif.pdb.org/dictionaries/ascii/mmcif_pdbx.dic 
# 
loop_
_database_2.database_id 
_database_2.database_code 
_database_2.pdbx_database_accession 
_database_2.pdbx_DOI 
PDB   1JZC         pdb_00001jzc 10.2210/pdb1jzc/pdb 
RCSB  RCSB014364   ?            ?                   
WWPDB D_1000014364 ?            ?                   
# 
loop_
_pdbx_audit_revision_history.ordinal 
_pdbx_audit_revision_history.data_content_type 
_pdbx_audit_revision_history.major_revision 
_pdbx_audit_revision_history.minor_revision 
_pdbx_audit_revision_history.revision_date 
1 'Structure model' 1 0 2003-10-07 
2 'Structure model' 1 1 2008-04-27 
3 'Structure model' 1 2 2011-07-13 
4 'Structure model' 1 3 2022-02-23 
5 'Structure model' 1 4 2024-05-22 
# 
_pdbx_audit_revision_details.ordinal             1 
_pdbx_audit_revision_details.revision_ordinal    1 
_pdbx_audit_revision_details.data_content_type   'Structure model' 
_pdbx_audit_revision_details.provider            repository 
_pdbx_audit_revision_details.type                'Initial release' 
_pdbx_audit_revision_details.description         ? 
_pdbx_audit_revision_details.details             ? 
# 
loop_
_pdbx_audit_revision_group.ordinal 
_pdbx_audit_revision_group.revision_ordinal 
_pdbx_audit_revision_group.data_content_type 
_pdbx_audit_revision_group.group 
1 2 'Structure model' 'Version format compliance' 
2 3 'Structure model' 'Version format compliance' 
3 4 'Structure model' 'Data collection'           
4 4 'Structure model' 'Database references'       
5 4 'Structure model' 'Derived calculations'      
6 5 'Structure model' 'Data collection'           
# 
loop_
_pdbx_audit_revision_category.ordinal 
_pdbx_audit_revision_category.revision_ordinal 
_pdbx_audit_revision_category.data_content_type 
_pdbx_audit_revision_category.category 
1 4 'Structure model' database_2            
2 4 'Structure model' pdbx_nmr_software     
3 4 'Structure model' pdbx_struct_assembly  
4 4 'Structure model' pdbx_struct_oper_list 
5 5 'Structure model' chem_comp_atom        
6 5 'Structure model' chem_comp_bond        
# 
loop_
_pdbx_audit_revision_item.ordinal 
_pdbx_audit_revision_item.revision_ordinal 
_pdbx_audit_revision_item.data_content_type 
_pdbx_audit_revision_item.item 
1 4 'Structure model' '_database_2.pdbx_DOI'                
2 4 'Structure model' '_database_2.pdbx_database_accession' 
3 4 'Structure model' '_pdbx_nmr_software.name'             
# 
_pdbx_database_status.status_code                     REL 
_pdbx_database_status.entry_id                        1JZC 
_pdbx_database_status.recvd_initial_deposition_date   2001-09-14 
_pdbx_database_status.deposit_site                    RCSB 
_pdbx_database_status.process_site                    RCSB 
_pdbx_database_status.status_code_mr                  REL 
_pdbx_database_status.SG_entry                        . 
_pdbx_database_status.pdb_format_compatible           Y 
_pdbx_database_status.status_code_sf                  ? 
_pdbx_database_status.status_code_cs                  ? 
_pdbx_database_status.status_code_nmr_data            ? 
_pdbx_database_status.methods_development_category    ? 
# 
loop_
_pdbx_database_related.db_name 
_pdbx_database_related.db_id 
_pdbx_database_related.details 
_pdbx_database_related.content_type 
PDB 1ESH 'The Solution Structure of the stem-triloop in the RNA promoter region of the Brome Mosaic Virus genomic (+)-RNA'        
unspecified 
PDB 1I46 'The Solution Structure of the mutant stem-triloop in the RNA promoter region of the Brome Mosaic Virus genomic (+)-RNA' 
unspecified 
PDB 1I4B 'The Solution Structure of the mutant stem-triloop in the RNA promoter region of the Brome Mosaic Virus genomic (+)-RNA' 
unspecified 
PDB 1I4C 'The Solution Structure of the mutant stem-triloop in the RNA promoter region of the Brome Mosaic Virus genomic (+)-RNA' 
unspecified 
# 
loop_
_audit_author.name 
_audit_author.pdbx_ordinal 
'Kim, C.-H.' 1 
'Kao, C.C.'  2 
# 
loop_
_citation.id 
_citation.title 
_citation.journal_abbrev 
_citation.journal_volume 
_citation.page_first 
_citation.page_last 
_citation.year 
_citation.journal_id_ASTM 
_citation.country 
_citation.journal_id_ISSN 
_citation.journal_id_CSD 
_citation.book_publisher 
_citation.pdbx_database_id_PubMed 
_citation.pdbx_database_id_DOI 
primary 
;A mutant viral RNA promoter with an altered conformation retains efficient
recognition by a viral RNA replicase through a solution-exposed adenine
;
RNA              7   1476 1485 2001 RNARFU UK 1355-8382 2122 ? 11680852 ?                      
1       'RNA motifs that determine specificity between a viral replicase and its promoter' Nat.Struct.Biol. 7   415  423  2000 
NSBIEW US 1072-8368 2024 ? ?        10.1038/75202          
2       
'Structural and Thermodynamic Studies on Mutant RNA motifs that impair the Specificity between a Viral Replicase and its Promoter' 
J.Mol.Biol.      307 827  839  2001 JMOBAK UK 0022-2836 0070 ? ?        10.1006/jmbi.2001.4497 
# 
loop_
_citation_author.citation_id 
_citation_author.name 
_citation_author.ordinal 
_citation_author.identifier_ORCID 
primary 'Kim, C.-H.'     1 ? 
primary 'Kao, C.C.'      2 ? 
1       'Kim, C.-H.'     3 ? 
1       'Kao, C.C.'      4 ? 
1       'Tinoco Jr., I.' 5 ? 
2       'Kim, C.-H.'     6 ? 
2       'Tinoco Jr., I.' 7 ? 
# 
_entity.id                         1 
_entity.type                       polymer 
_entity.src_method                 syn 
_entity.pdbx_description           "5'-R(*GP*GP*UP*GP*CP*AP*UP*GP*GP*CP*AP*CP*C)-3'" 
_entity.formula_weight             4172.541 
_entity.pdbx_number_of_molecules   1 
_entity.pdbx_ec                    ? 
_entity.pdbx_mutation              ? 
_entity.pdbx_fragment              ? 
_entity.details                    
;mutant RNA triloop 5'AUG3'of the RNA promoter region
;
# 
_entity_poly.entity_id                      1 
_entity_poly.type                           polyribonucleotide 
_entity_poly.nstd_linkage                   no 
_entity_poly.nstd_monomer                   no 
_entity_poly.pdbx_seq_one_letter_code       GGUGCAUGGCACC 
_entity_poly.pdbx_seq_one_letter_code_can   GGUGCAUGGCACC 
_entity_poly.pdbx_strand_id                 A 
_entity_poly.pdbx_target_identifier         ? 
# 
loop_
_entity_poly_seq.entity_id 
_entity_poly_seq.num 
_entity_poly_seq.mon_id 
_entity_poly_seq.hetero 
1 1  G n 
1 2  G n 
1 3  U n 
1 4  G n 
1 5  C n 
1 6  A n 
1 7  U n 
1 8  G n 
1 9  G n 
1 10 C n 
1 11 A n 
1 12 C n 
1 13 C n 
# 
_pdbx_entity_src_syn.entity_id              1 
_pdbx_entity_src_syn.pdbx_src_id            1 
_pdbx_entity_src_syn.pdbx_alt_source_flag   sample 
_pdbx_entity_src_syn.pdbx_beg_seq_num       ? 
_pdbx_entity_src_syn.pdbx_end_seq_num       ? 
_pdbx_entity_src_syn.organism_scientific    ? 
_pdbx_entity_src_syn.organism_common_name   ? 
_pdbx_entity_src_syn.ncbi_taxonomy_id       ? 
_pdbx_entity_src_syn.details                
'This sequence is a mutant triloop of which the wild type is naturally occuring in Brome Mosaic Virus genomic RNA' 
# 
loop_
_chem_comp.id 
_chem_comp.type 
_chem_comp.mon_nstd_flag 
_chem_comp.name 
_chem_comp.pdbx_synonyms 
_chem_comp.formula 
_chem_comp.formula_weight 
A 'RNA linking' y "ADENOSINE-5'-MONOPHOSPHATE" ? 'C10 H14 N5 O7 P' 347.221 
C 'RNA linking' y "CYTIDINE-5'-MONOPHOSPHATE"  ? 'C9 H14 N3 O8 P'  323.197 
G 'RNA linking' y "GUANOSINE-5'-MONOPHOSPHATE" ? 'C10 H14 N5 O8 P' 363.221 
U 'RNA linking' y "URIDINE-5'-MONOPHOSPHATE"   ? 'C9 H13 N2 O9 P'  324.181 
# 
loop_
_pdbx_poly_seq_scheme.asym_id 
_pdbx_poly_seq_scheme.entity_id 
_pdbx_poly_seq_scheme.seq_id 
_pdbx_poly_seq_scheme.mon_id 
_pdbx_poly_seq_scheme.ndb_seq_num 
_pdbx_poly_seq_scheme.pdb_seq_num 
_pdbx_poly_seq_scheme.auth_seq_num 
_pdbx_poly_seq_scheme.pdb_mon_id 
_pdbx_poly_seq_scheme.auth_mon_id 
_pdbx_poly_seq_scheme.pdb_strand_id 
_pdbx_poly_seq_scheme.pdb_ins_code 
_pdbx_poly_seq_scheme.hetero 
A 1 1  G 1  1  1  G G A . n 
A 1 2  G 2  2  2  G G A . n 
A 1 3  U 3  3  3  U U A . n 
A 1 4  G 4  4  4  G G A . n 
A 1 5  C 5  5  5  C C A . n 
A 1 6  A 6  6  6  A A A . n 
A 1 7  U 7  7  7  U U A . n 
A 1 8  G 8  8  8  G G A . n 
A 1 9  G 9  9  9  G G A . n 
A 1 10 C 10 10 10 C C A . n 
A 1 11 A 11 11 11 A A A . n 
A 1 12 C 12 12 12 C C A . n 
A 1 13 C 13 13 13 C C A . n 
# 
_cell.entry_id           1JZC 
_cell.length_a           ? 
_cell.length_b           ? 
_cell.length_c           ? 
_cell.angle_alpha        ? 
_cell.angle_beta         ? 
_cell.angle_gamma        ? 
_cell.Z_PDB              1 
_cell.pdbx_unique_axis   ? 
# 
_exptl.entry_id          1JZC 
_exptl.method            'SOLUTION NMR' 
_exptl.crystals_number   ? 
# 
_exptl_crystal.id                    1 
_exptl_crystal.density_meas          ? 
_exptl_crystal.density_Matthews      ? 
_exptl_crystal.density_percent_sol   ? 
_exptl_crystal.description           ? 
# 
_diffrn.id                     1 
_diffrn.ambient_temp           ? 
_diffrn.ambient_temp_details   ? 
_diffrn.crystal_id             1 
# 
_diffrn_radiation.diffrn_id                        1 
_diffrn_radiation.wavelength_id                    1 
_diffrn_radiation.pdbx_monochromatic_or_laue_m_l   M 
_diffrn_radiation.monochromator                    ? 
_diffrn_radiation.pdbx_diffrn_protocol             'SINGLE WAVELENGTH' 
_diffrn_radiation.pdbx_scattering_type             ? 
# 
_diffrn_radiation_wavelength.id           1 
_diffrn_radiation_wavelength.wavelength   . 
_diffrn_radiation_wavelength.wt           1.0 
# 
_struct.entry_id                  1JZC 
_struct.title                     
;THE SOLUTION STRUCTURE OF THE MUTANT 5'AUG3' TRILOOP IN THE RNA PROMOTER REGION OF THE BROME MOSAIC VIRUS GENOMIC (+)-RNA
;
_struct.pdbx_model_details        ? 
_struct.pdbx_CASP_flag            ? 
_struct.pdbx_model_type_details   'minimized average' 
# 
_struct_keywords.entry_id        1JZC 
_struct_keywords.pdbx_keywords   RNA 
_struct_keywords.text            'RNA, Brome Mosaic Virus, BMV, triloop, Replication, Promoter, RNA polymerase' 
# 
_struct_asym.id                            A 
_struct_asym.pdbx_blank_PDB_chainid_flag   N 
_struct_asym.pdbx_modified                 N 
_struct_asym.entity_id                     1 
_struct_asym.details                       ? 
# 
_struct_ref.id                         1 
_struct_ref.entity_id                  1 
_struct_ref.db_name                    PDB 
_struct_ref.db_code                    1JZC 
_struct_ref.pdbx_db_accession          1JZC 
_struct_ref.pdbx_db_isoform            ? 
_struct_ref.pdbx_seq_one_letter_code   ? 
_struct_ref.pdbx_align_begin           ? 
# 
_struct_ref_seq.align_id                      1 
_struct_ref_seq.ref_id                        1 
_struct_ref_seq.pdbx_PDB_id_code              1JZC 
_struct_ref_seq.pdbx_strand_id                A 
_struct_ref_seq.seq_align_beg                 1 
_struct_ref_seq.pdbx_seq_align_beg_ins_code   ? 
_struct_ref_seq.seq_align_end                 13 
_struct_ref_seq.pdbx_seq_align_end_ins_code   ? 
_struct_ref_seq.pdbx_db_accession             1JZC 
_struct_ref_seq.db_align_beg                  1 
_struct_ref_seq.pdbx_db_align_beg_ins_code    ? 
_struct_ref_seq.db_align_end                  13 
_struct_ref_seq.pdbx_db_align_end_ins_code    ? 
_struct_ref_seq.pdbx_auth_seq_align_beg       1 
_struct_ref_seq.pdbx_auth_seq_align_end       13 
# 
_pdbx_struct_assembly.id                   1 
_pdbx_struct_assembly.details              author_defined_assembly 
_pdbx_struct_assembly.method_details       ? 
_pdbx_struct_assembly.oligomeric_details   monomeric 
_pdbx_struct_assembly.oligomeric_count     1 
# 
_pdbx_struct_assembly_gen.assembly_id       1 
_pdbx_struct_assembly_gen.oper_expression   1 
_pdbx_struct_assembly_gen.asym_id_list      A 
# 
_pdbx_struct_oper_list.id                   1 
_pdbx_struct_oper_list.type                 'identity operation' 
_pdbx_struct_oper_list.name                 1_555 
_pdbx_struct_oper_list.symmetry_operation   x,y,z 
_pdbx_struct_oper_list.matrix[1][1]         1.0000000000 
_pdbx_struct_oper_list.matrix[1][2]         0.0000000000 
_pdbx_struct_oper_list.matrix[1][3]         0.0000000000 
_pdbx_struct_oper_list.vector[1]            0.0000000000 
_pdbx_struct_oper_list.matrix[2][1]         0.0000000000 
_pdbx_struct_oper_list.matrix[2][2]         1.0000000000 
_pdbx_struct_oper_list.matrix[2][3]         0.0000000000 
_pdbx_struct_oper_list.vector[2]            0.0000000000 
_pdbx_struct_oper_list.matrix[3][1]         0.0000000000 
_pdbx_struct_oper_list.matrix[3][2]         0.0000000000 
_pdbx_struct_oper_list.matrix[3][3]         1.0000000000 
_pdbx_struct_oper_list.vector[3]            0.0000000000 
# 
_struct_biol.id   1 
# 
loop_
_struct_conn.id 
_struct_conn.conn_type_id 
_struct_conn.pdbx_leaving_atom_flag 
_struct_conn.pdbx_PDB_id 
_struct_conn.ptnr1_label_asym_id 
_struct_conn.ptnr1_label_comp_id 
_struct_conn.ptnr1_label_seq_id 
_struct_conn.ptnr1_label_atom_id 
_struct_conn.pdbx_ptnr1_label_alt_id 
_struct_conn.pdbx_ptnr1_PDB_ins_code 
_struct_conn.pdbx_ptnr1_standard_comp_id 
_struct_conn.ptnr1_symmetry 
_struct_conn.ptnr2_label_asym_id 
_struct_conn.ptnr2_label_comp_id 
_struct_conn.ptnr2_label_seq_id 
_struct_conn.ptnr2_label_atom_id 
_struct_conn.pdbx_ptnr2_label_alt_id 
_struct_conn.pdbx_ptnr2_PDB_ins_code 
_struct_conn.ptnr1_auth_asym_id 
_struct_conn.ptnr1_auth_comp_id 
_struct_conn.ptnr1_auth_seq_id 
_struct_conn.ptnr2_auth_asym_id 
_struct_conn.ptnr2_auth_comp_id 
_struct_conn.ptnr2_auth_seq_id 
_struct_conn.ptnr2_symmetry 
_struct_conn.pdbx_ptnr3_label_atom_id 
_struct_conn.pdbx_ptnr3_label_seq_id 
_struct_conn.pdbx_ptnr3_label_comp_id 
_struct_conn.pdbx_ptnr3_label_asym_id 
_struct_conn.pdbx_ptnr3_label_alt_id 
_struct_conn.pdbx_ptnr3_PDB_ins_code 
_struct_conn.details 
_struct_conn.pdbx_dist_value 
_struct_conn.pdbx_value_order 
_struct_conn.pdbx_role 
hydrog1  hydrog ? ? A G 1 N1 ? ? ? 1_555 A C 13 N3 ? ? A G 1 A C 13 1_555 ? ? ? ? ? ? WATSON-CRICK  ? ? ? 
hydrog2  hydrog ? ? A G 1 N2 ? ? ? 1_555 A C 13 O2 ? ? A G 1 A C 13 1_555 ? ? ? ? ? ? WATSON-CRICK  ? ? ? 
hydrog3  hydrog ? ? A G 1 O6 ? ? ? 1_555 A C 13 N4 ? ? A G 1 A C 13 1_555 ? ? ? ? ? ? WATSON-CRICK  ? ? ? 
hydrog4  hydrog ? ? A G 2 O6 ? ? ? 1_555 A A 11 N6 ? ? A G 2 A A 11 1_555 ? ? ? ? ? ? 'G-A MISPAIR' ? ? ? 
hydrog5  hydrog ? ? A G 2 N1 ? ? ? 1_555 A C 12 N3 ? ? A G 2 A C 12 1_555 ? ? ? ? ? ? WATSON-CRICK  ? ? ? 
hydrog6  hydrog ? ? A G 2 N2 ? ? ? 1_555 A C 12 O2 ? ? A G 2 A C 12 1_555 ? ? ? ? ? ? WATSON-CRICK  ? ? ? 
hydrog7  hydrog ? ? A G 2 O6 ? ? ? 1_555 A C 12 N4 ? ? A G 2 A C 12 1_555 ? ? ? ? ? ? WATSON-CRICK  ? ? ? 
hydrog8  hydrog ? ? A U 3 N3 ? ? ? 1_555 A A 11 N1 ? ? A U 3 A A 11 1_555 ? ? ? ? ? ? WATSON-CRICK  ? ? ? 
hydrog9  hydrog ? ? A U 3 O4 ? ? ? 1_555 A A 11 N6 ? ? A U 3 A A 11 1_555 ? ? ? ? ? ? WATSON-CRICK  ? ? ? 
hydrog10 hydrog ? ? A G 4 N1 ? ? ? 1_555 A C 10 N3 ? ? A G 4 A C 10 1_555 ? ? ? ? ? ? WATSON-CRICK  ? ? ? 
hydrog11 hydrog ? ? A G 4 N2 ? ? ? 1_555 A C 10 O2 ? ? A G 4 A C 10 1_555 ? ? ? ? ? ? WATSON-CRICK  ? ? ? 
hydrog12 hydrog ? ? A G 4 O6 ? ? ? 1_555 A C 10 N4 ? ? A G 4 A C 10 1_555 ? ? ? ? ? ? WATSON-CRICK  ? ? ? 
# 
_struct_conn_type.id          hydrog 
_struct_conn_type.criteria    ? 
_struct_conn_type.reference   ? 
# 
_pdbx_nmr_ensemble.entry_id                                      1JZC 
_pdbx_nmr_ensemble.conformers_calculated_total_number            17 
_pdbx_nmr_ensemble.conformers_submitted_total_number             1 
_pdbx_nmr_ensemble.conformer_selection_criteria                  'a strucutre averaged over these 17 calculated structures.' 
_pdbx_nmr_ensemble.average_constraints_per_residue               ? 
_pdbx_nmr_ensemble.average_constraint_violations_per_residue     ? 
_pdbx_nmr_ensemble.maximum_distance_constraint_violation         ? 
_pdbx_nmr_ensemble.average_distance_constraint_violation         ? 
_pdbx_nmr_ensemble.maximum_upper_distance_constraint_violation   ? 
_pdbx_nmr_ensemble.maximum_lower_distance_constraint_violation   ? 
_pdbx_nmr_ensemble.distance_constraint_violation_method          ? 
_pdbx_nmr_ensemble.maximum_torsion_angle_constraint_violation    ? 
_pdbx_nmr_ensemble.average_torsion_angle_constraint_violation    ? 
_pdbx_nmr_ensemble.torsion_angle_constraint_violation_method     ? 
# 
_pdbx_nmr_representative.entry_id             1JZC 
_pdbx_nmr_representative.conformer_id         ? 
_pdbx_nmr_representative.selection_criteria   'minimized average structure' 
# 
loop_
_pdbx_nmr_sample_details.solution_id 
_pdbx_nmr_sample_details.contents 
_pdbx_nmr_sample_details.solvent_system 
1 
;2 mM RNA triloop 13mer, 
10mM Na Phosphate, pH=6.5
;
'90% H2O/10% D2O' 
2 
;2 mM RNA triloop 13mer, 
10mM Na Phosphate, pH=6.5
;
'99.96% D2O'      
# 
loop_
_pdbx_nmr_exptl_sample_conditions.conditions_id 
_pdbx_nmr_exptl_sample_conditions.temperature 
_pdbx_nmr_exptl_sample_conditions.pressure 
_pdbx_nmr_exptl_sample_conditions.pH 
_pdbx_nmr_exptl_sample_conditions.ionic_strength 
_pdbx_nmr_exptl_sample_conditions.pressure_units 
_pdbx_nmr_exptl_sample_conditions.temperature_units 
1 293 ambient 6.5 '10 mM NaCl' ? K 
2 283 ambient 6.5 '10 mM NaCl' ? K 
# 
loop_
_pdbx_nmr_exptl.experiment_id 
_pdbx_nmr_exptl.solution_id 
_pdbx_nmr_exptl.conditions_id 
_pdbx_nmr_exptl.type 
1 1 1 '2D NOESY' 
2 1 2 '2D NOESY' 
3 1 1 DQF-COSY   
4 1 2 '2D NOESY' 
# 
_pdbx_nmr_refine.entry_id           1JZC 
_pdbx_nmr_refine.method             
;simulated annealing 
restrained molecular dynamics
;
_pdbx_nmr_refine.details            ? 
_pdbx_nmr_refine.software_ordinal   1 
# 
loop_
_pdbx_nmr_software.name 
_pdbx_nmr_software.version 
_pdbx_nmr_software.classification 
_pdbx_nmr_software.authors 
_pdbx_nmr_software.ordinal 
X-PLOR  3.1 'structure solution' 'Axel Brunger' 1 
XwinNMR ?   collection           ?              2 
UXNMR   ?   collection           ?              3 
Felix   ?   'data analysis'      ?              4 
X-PLOR  3.1 refinement           'Axel Brunger' 5 
# 
loop_
_chem_comp_atom.comp_id 
_chem_comp_atom.atom_id 
_chem_comp_atom.type_symbol 
_chem_comp_atom.pdbx_aromatic_flag 
_chem_comp_atom.pdbx_stereo_config 
_chem_comp_atom.pdbx_ordinal 
A OP3    O N N 1   
A P      P N N 2   
A OP1    O N N 3   
A OP2    O N N 4   
A "O5'"  O N N 5   
A "C5'"  C N N 6   
A "C4'"  C N R 7   
A "O4'"  O N N 8   
A "C3'"  C N S 9   
A "O3'"  O N N 10  
A "C2'"  C N R 11  
A "O2'"  O N N 12  
A "C1'"  C N R 13  
A N9     N Y N 14  
A C8     C Y N 15  
A N7     N Y N 16  
A C5     C Y N 17  
A C6     C Y N 18  
A N6     N N N 19  
A N1     N Y N 20  
A C2     C Y N 21  
A N3     N Y N 22  
A C4     C Y N 23  
A HOP3   H N N 24  
A HOP2   H N N 25  
A "H5'"  H N N 26  
A "H5''" H N N 27  
A "H4'"  H N N 28  
A "H3'"  H N N 29  
A "HO3'" H N N 30  
A "H2'"  H N N 31  
A "HO2'" H N N 32  
A "H1'"  H N N 33  
A H8     H N N 34  
A H61    H N N 35  
A H62    H N N 36  
A H2     H N N 37  
C OP3    O N N 38  
C P      P N N 39  
C OP1    O N N 40  
C OP2    O N N 41  
C "O5'"  O N N 42  
C "C5'"  C N N 43  
C "C4'"  C N R 44  
C "O4'"  O N N 45  
C "C3'"  C N S 46  
C "O3'"  O N N 47  
C "C2'"  C N R 48  
C "O2'"  O N N 49  
C "C1'"  C N R 50  
C N1     N N N 51  
C C2     C N N 52  
C O2     O N N 53  
C N3     N N N 54  
C C4     C N N 55  
C N4     N N N 56  
C C5     C N N 57  
C C6     C N N 58  
C HOP3   H N N 59  
C HOP2   H N N 60  
C "H5'"  H N N 61  
C "H5''" H N N 62  
C "H4'"  H N N 63  
C "H3'"  H N N 64  
C "HO3'" H N N 65  
C "H2'"  H N N 66  
C "HO2'" H N N 67  
C "H1'"  H N N 68  
C H41    H N N 69  
C H42    H N N 70  
C H5     H N N 71  
C H6     H N N 72  
G OP3    O N N 73  
G P      P N N 74  
G OP1    O N N 75  
G OP2    O N N 76  
G "O5'"  O N N 77  
G "C5'"  C N N 78  
G "C4'"  C N R 79  
G "O4'"  O N N 80  
G "C3'"  C N S 81  
G "O3'"  O N N 82  
G "C2'"  C N R 83  
G "O2'"  O N N 84  
G "C1'"  C N R 85  
G N9     N Y N 86  
G C8     C Y N 87  
G N7     N Y N 88  
G C5     C Y N 89  
G C6     C N N 90  
G O6     O N N 91  
G N1     N N N 92  
G C2     C N N 93  
G N2     N N N 94  
G N3     N N N 95  
G C4     C Y N 96  
G HOP3   H N N 97  
G HOP2   H N N 98  
G "H5'"  H N N 99  
G "H5''" H N N 100 
G "H4'"  H N N 101 
G "H3'"  H N N 102 
G "HO3'" H N N 103 
G "H2'"  H N N 104 
G "HO2'" H N N 105 
G "H1'"  H N N 106 
G H8     H N N 107 
G H1     H N N 108 
G H21    H N N 109 
G H22    H N N 110 
U OP3    O N N 111 
U P      P N N 112 
U OP1    O N N 113 
U OP2    O N N 114 
U "O5'"  O N N 115 
U "C5'"  C N N 116 
U "C4'"  C N R 117 
U "O4'"  O N N 118 
U "C3'"  C N S 119 
U "O3'"  O N N 120 
U "C2'"  C N R 121 
U "O2'"  O N N 122 
U "C1'"  C N R 123 
U N1     N N N 124 
U C2     C N N 125 
U O2     O N N 126 
U N3     N N N 127 
U C4     C N N 128 
U O4     O N N 129 
U C5     C N N 130 
U C6     C N N 131 
U HOP3   H N N 132 
U HOP2   H N N 133 
U "H5'"  H N N 134 
U "H5''" H N N 135 
U "H4'"  H N N 136 
U "H3'"  H N N 137 
U "HO3'" H N N 138 
U "H2'"  H N N 139 
U "HO2'" H N N 140 
U "H1'"  H N N 141 
U H3     H N N 142 
U H5     H N N 143 
U H6     H N N 144 
# 
loop_
_chem_comp_bond.comp_id 
_chem_comp_bond.atom_id_1 
_chem_comp_bond.atom_id_2 
_chem_comp_bond.value_order 
_chem_comp_bond.pdbx_aromatic_flag 
_chem_comp_bond.pdbx_stereo_config 
_chem_comp_bond.pdbx_ordinal 
A OP3   P      sing N N 1   
A OP3   HOP3   sing N N 2   
A P     OP1    doub N N 3   
A P     OP2    sing N N 4   
A P     "O5'"  sing N N 5   
A OP2   HOP2   sing N N 6   
A "O5'" "C5'"  sing N N 7   
A "C5'" "C4'"  sing N N 8   
A "C5'" "H5'"  sing N N 9   
A "C5'" "H5''" sing N N 10  
A "C4'" "O4'"  sing N N 11  
A "C4'" "C3'"  sing N N 12  
A "C4'" "H4'"  sing N N 13  
A "O4'" "C1'"  sing N N 14  
A "C3'" "O3'"  sing N N 15  
A "C3'" "C2'"  sing N N 16  
A "C3'" "H3'"  sing N N 17  
A "O3'" "HO3'" sing N N 18  
A "C2'" "O2'"  sing N N 19  
A "C2'" "C1'"  sing N N 20  
A "C2'" "H2'"  sing N N 21  
A "O2'" "HO2'" sing N N 22  
A "C1'" N9     sing N N 23  
A "C1'" "H1'"  sing N N 24  
A N9    C8     sing Y N 25  
A N9    C4     sing Y N 26  
A C8    N7     doub Y N 27  
A C8    H8     sing N N 28  
A N7    C5     sing Y N 29  
A C5    C6     sing Y N 30  
A C5    C4     doub Y N 31  
A C6    N6     sing N N 32  
A C6    N1     doub Y N 33  
A N6    H61    sing N N 34  
A N6    H62    sing N N 35  
A N1    C2     sing Y N 36  
A C2    N3     doub Y N 37  
A C2    H2     sing N N 38  
A N3    C4     sing Y N 39  
C OP3   P      sing N N 40  
C OP3   HOP3   sing N N 41  
C P     OP1    doub N N 42  
C P     OP2    sing N N 43  
C P     "O5'"  sing N N 44  
C OP2   HOP2   sing N N 45  
C "O5'" "C5'"  sing N N 46  
C "C5'" "C4'"  sing N N 47  
C "C5'" "H5'"  sing N N 48  
C "C5'" "H5''" sing N N 49  
C "C4'" "O4'"  sing N N 50  
C "C4'" "C3'"  sing N N 51  
C "C4'" "H4'"  sing N N 52  
C "O4'" "C1'"  sing N N 53  
C "C3'" "O3'"  sing N N 54  
C "C3'" "C2'"  sing N N 55  
C "C3'" "H3'"  sing N N 56  
C "O3'" "HO3'" sing N N 57  
C "C2'" "O2'"  sing N N 58  
C "C2'" "C1'"  sing N N 59  
C "C2'" "H2'"  sing N N 60  
C "O2'" "HO2'" sing N N 61  
C "C1'" N1     sing N N 62  
C "C1'" "H1'"  sing N N 63  
C N1    C2     sing N N 64  
C N1    C6     sing N N 65  
C C2    O2     doub N N 66  
C C2    N3     sing N N 67  
C N3    C4     doub N N 68  
C C4    N4     sing N N 69  
C C4    C5     sing N N 70  
C N4    H41    sing N N 71  
C N4    H42    sing N N 72  
C C5    C6     doub N N 73  
C C5    H5     sing N N 74  
C C6    H6     sing N N 75  
G OP3   P      sing N N 76  
G OP3   HOP3   sing N N 77  
G P     OP1    doub N N 78  
G P     OP2    sing N N 79  
G P     "O5'"  sing N N 80  
G OP2   HOP2   sing N N 81  
G "O5'" "C5'"  sing N N 82  
G "C5'" "C4'"  sing N N 83  
G "C5'" "H5'"  sing N N 84  
G "C5'" "H5''" sing N N 85  
G "C4'" "O4'"  sing N N 86  
G "C4'" "C3'"  sing N N 87  
G "C4'" "H4'"  sing N N 88  
G "O4'" "C1'"  sing N N 89  
G "C3'" "O3'"  sing N N 90  
G "C3'" "C2'"  sing N N 91  
G "C3'" "H3'"  sing N N 92  
G "O3'" "HO3'" sing N N 93  
G "C2'" "O2'"  sing N N 94  
G "C2'" "C1'"  sing N N 95  
G "C2'" "H2'"  sing N N 96  
G "O2'" "HO2'" sing N N 97  
G "C1'" N9     sing N N 98  
G "C1'" "H1'"  sing N N 99  
G N9    C8     sing Y N 100 
G N9    C4     sing Y N 101 
G C8    N7     doub Y N 102 
G C8    H8     sing N N 103 
G N7    C5     sing Y N 104 
G C5    C6     sing N N 105 
G C5    C4     doub Y N 106 
G C6    O6     doub N N 107 
G C6    N1     sing N N 108 
G N1    C2     sing N N 109 
G N1    H1     sing N N 110 
G C2    N2     sing N N 111 
G C2    N3     doub N N 112 
G N2    H21    sing N N 113 
G N2    H22    sing N N 114 
G N3    C4     sing N N 115 
U OP3   P      sing N N 116 
U OP3   HOP3   sing N N 117 
U P     OP1    doub N N 118 
U P     OP2    sing N N 119 
U P     "O5'"  sing N N 120 
U OP2   HOP2   sing N N 121 
U "O5'" "C5'"  sing N N 122 
U "C5'" "C4'"  sing N N 123 
U "C5'" "H5'"  sing N N 124 
U "C5'" "H5''" sing N N 125 
U "C4'" "O4'"  sing N N 126 
U "C4'" "C3'"  sing N N 127 
U "C4'" "H4'"  sing N N 128 
U "O4'" "C1'"  sing N N 129 
U "C3'" "O3'"  sing N N 130 
U "C3'" "C2'"  sing N N 131 
U "C3'" "H3'"  sing N N 132 
U "O3'" "HO3'" sing N N 133 
U "C2'" "O2'"  sing N N 134 
U "C2'" "C1'"  sing N N 135 
U "C2'" "H2'"  sing N N 136 
U "O2'" "HO2'" sing N N 137 
U "C1'" N1     sing N N 138 
U "C1'" "H1'"  sing N N 139 
U N1    C2     sing N N 140 
U N1    C6     sing N N 141 
U C2    O2     doub N N 142 
U C2    N3     sing N N 143 
U N3    C4     sing N N 144 
U N3    H3     sing N N 145 
U C4    O4     doub N N 146 
U C4    C5     sing N N 147 
U C5    C6     doub N N 148 
U C5    H5     sing N N 149 
U C6    H6     sing N N 150 
# 
loop_
_ndb_struct_conf_na.entry_id 
_ndb_struct_conf_na.feature 
1JZC 'double helix'         
1JZC 'hairpin loop'         
1JZC 'mismatched base pair' 
# 
loop_
_ndb_struct_na_base_pair.model_number 
_ndb_struct_na_base_pair.i_label_asym_id 
_ndb_struct_na_base_pair.i_label_comp_id 
_ndb_struct_na_base_pair.i_label_seq_id 
_ndb_struct_na_base_pair.i_symmetry 
_ndb_struct_na_base_pair.j_label_asym_id 
_ndb_struct_na_base_pair.j_label_comp_id 
_ndb_struct_na_base_pair.j_label_seq_id 
_ndb_struct_na_base_pair.j_symmetry 
_ndb_struct_na_base_pair.shear 
_ndb_struct_na_base_pair.stretch 
_ndb_struct_na_base_pair.stagger 
_ndb_struct_na_base_pair.buckle 
_ndb_struct_na_base_pair.propeller 
_ndb_struct_na_base_pair.opening 
_ndb_struct_na_base_pair.pair_number 
_ndb_struct_na_base_pair.pair_name 
_ndb_struct_na_base_pair.i_auth_asym_id 
_ndb_struct_na_base_pair.i_auth_seq_id 
_ndb_struct_na_base_pair.i_PDB_ins_code 
_ndb_struct_na_base_pair.j_auth_asym_id 
_ndb_struct_na_base_pair.j_auth_seq_id 
_ndb_struct_na_base_pair.j_PDB_ins_code 
_ndb_struct_na_base_pair.hbond_type_28 
_ndb_struct_na_base_pair.hbond_type_12 
1 A G 1 1_555 A C 13 1_555 -0.254 -0.207 -0.114 -31.226 -16.074 -6.001 1 A_G1:C13_A A 1 ? A 13 ? 19 1 
1 A G 2 1_555 A C 12 1_555 -0.356 -0.233 -0.148 -14.949 -24.390 -5.879 2 A_G2:C12_A A 2 ? A 12 ? 19 1 
1 A U 3 1_555 A A 11 1_555 0.127  -0.181 -0.271 18.596  -12.203 -8.560 3 A_U3:A11_A A 3 ? A 11 ? 20 1 
1 A G 4 1_555 A C 10 1_555 -0.458 -0.025 0.376  47.897  5.127   0.248  4 A_G4:C10_A A 4 ? A 10 ? 19 1 
# 
loop_
_ndb_struct_na_base_pair_step.model_number 
_ndb_struct_na_base_pair_step.i_label_asym_id_1 
_ndb_struct_na_base_pair_step.i_label_comp_id_1 
_ndb_struct_na_base_pair_step.i_label_seq_id_1 
_ndb_struct_na_base_pair_step.i_symmetry_1 
_ndb_struct_na_base_pair_step.j_label_asym_id_1 
_ndb_struct_na_base_pair_step.j_label_comp_id_1 
_ndb_struct_na_base_pair_step.j_label_seq_id_1 
_ndb_struct_na_base_pair_step.j_symmetry_1 
_ndb_struct_na_base_pair_step.i_label_asym_id_2 
_ndb_struct_na_base_pair_step.i_label_comp_id_2 
_ndb_struct_na_base_pair_step.i_label_seq_id_2 
_ndb_struct_na_base_pair_step.i_symmetry_2 
_ndb_struct_na_base_pair_step.j_label_asym_id_2 
_ndb_struct_na_base_pair_step.j_label_comp_id_2 
_ndb_struct_na_base_pair_step.j_label_seq_id_2 
_ndb_struct_na_base_pair_step.j_symmetry_2 
_ndb_struct_na_base_pair_step.shift 
_ndb_struct_na_base_pair_step.slide 
_ndb_struct_na_base_pair_step.rise 
_ndb_struct_na_base_pair_step.tilt 
_ndb_struct_na_base_pair_step.roll 
_ndb_struct_na_base_pair_step.twist 
_ndb_struct_na_base_pair_step.x_displacement 
_ndb_struct_na_base_pair_step.y_displacement 
_ndb_struct_na_base_pair_step.helical_rise 
_ndb_struct_na_base_pair_step.inclination 
_ndb_struct_na_base_pair_step.tip 
_ndb_struct_na_base_pair_step.helical_twist 
_ndb_struct_na_base_pair_step.step_number 
_ndb_struct_na_base_pair_step.step_name 
_ndb_struct_na_base_pair_step.i_auth_asym_id_1 
_ndb_struct_na_base_pair_step.i_auth_seq_id_1 
_ndb_struct_na_base_pair_step.i_PDB_ins_code_1 
_ndb_struct_na_base_pair_step.j_auth_asym_id_1 
_ndb_struct_na_base_pair_step.j_auth_seq_id_1 
_ndb_struct_na_base_pair_step.j_PDB_ins_code_1 
_ndb_struct_na_base_pair_step.i_auth_asym_id_2 
_ndb_struct_na_base_pair_step.i_auth_seq_id_2 
_ndb_struct_na_base_pair_step.i_PDB_ins_code_2 
_ndb_struct_na_base_pair_step.j_auth_asym_id_2 
_ndb_struct_na_base_pair_step.j_auth_seq_id_2 
_ndb_struct_na_base_pair_step.j_PDB_ins_code_2 
1 A G 1 1_555 A C 13 1_555 A G 2 1_555 A C 12 1_555 -0.864 -1.007 2.650 0.357  6.153 35.233 -2.335 1.448  2.437 10.070 -0.584 
35.751 1 AA_G1G2:C12C13_AA A 1 ? A 13 ? A 2 ? A 12 ? 
1 A G 2 1_555 A C 12 1_555 A U 3 1_555 A A 11 1_555 -0.378 -0.695 2.221 -0.946 2.194 29.213 -1.693 0.609  2.175 4.341  1.871  
29.309 2 AA_G2U3:A11C12_AA A 2 ? A 12 ? A 3 ? A 11 ? 
1 A U 3 1_555 A A 11 1_555 A G 4 1_555 A C 10 1_555 1.020  -1.233 2.695 -6.668 3.895 32.247 -2.669 -2.655 2.284 6.889  11.795 
33.134 3 AA_U3G4:C10A11_AA A 3 ? A 11 ? A 4 ? A 10 ? 
# 
loop_
_pdbx_nmr_spectrometer.spectrometer_id 
_pdbx_nmr_spectrometer.type 
_pdbx_nmr_spectrometer.manufacturer 
_pdbx_nmr_spectrometer.model 
_pdbx_nmr_spectrometer.field_strength 
1 ? Bruker DRX 500 
2 ? Bruker AMX 600 
# 
_atom_sites.entry_id                    1JZC 
_atom_sites.fract_transf_matrix[1][1]   1.000000 
_atom_sites.fract_transf_matrix[1][2]   0.000000 
_atom_sites.fract_transf_matrix[1][3]   0.000000 
_atom_sites.fract_transf_matrix[2][1]   0.000000 
_atom_sites.fract_transf_matrix[2][2]   1.000000 
_atom_sites.fract_transf_matrix[2][3]   0.000000 
_atom_sites.fract_transf_matrix[3][1]   0.000000 
_atom_sites.fract_transf_matrix[3][2]   0.000000 
_atom_sites.fract_transf_matrix[3][3]   1.000000 
_atom_sites.fract_transf_vector[1]      0.00000 
_atom_sites.fract_transf_vector[2]      0.00000 
_atom_sites.fract_transf_vector[3]      0.00000 
# 
loop_
_atom_type.symbol 
C 
H 
N 
O 
P 
# 
loop_
_atom_site.group_PDB 
_atom_site.id 
_atom_site.type_symbol 
_atom_site.label_atom_id 
_atom_site.label_alt_id 
_atom_site.label_comp_id 
_atom_site.label_asym_id 
_atom_site.label_entity_id 
_atom_site.label_seq_id 
_atom_site.pdbx_PDB_ins_code 
_atom_site.Cartn_x 
_atom_site.Cartn_y 
_atom_site.Cartn_z 
_atom_site.occupancy 
_atom_site.B_iso_or_equiv 
_atom_site.pdbx_formal_charge 
_atom_site.auth_seq_id 
_atom_site.auth_comp_id 
_atom_site.auth_asym_id 
_atom_site.auth_atom_id 
_atom_site.pdbx_PDB_model_num 
ATOM 1   O "O5'"  . G A 1 1  ? 5.779   -1.410  -11.178 1.00 2.13 ? 1  G A "O5'"  1 
ATOM 2   C "C5'"  . G A 1 1  ? 5.444   -2.123  -12.370 1.00 2.29 ? 1  G A "C5'"  1 
ATOM 3   C "C4'"  . G A 1 1  ? 5.352   -3.625  -12.119 1.00 2.23 ? 1  G A "C4'"  1 
ATOM 4   O "O4'"  . G A 1 1  ? 6.605   -4.091  -11.594 1.00 2.28 ? 1  G A "O4'"  1 
ATOM 5   C "C3'"  . G A 1 1  ? 4.310   -4.034  -11.081 1.00 1.97 ? 1  G A "C3'"  1 
ATOM 6   O "O3'"  . G A 1 1  ? 3.173   -4.524  -11.796 1.00 1.97 ? 1  G A "O3'"  1 
ATOM 7   C "C2'"  . G A 1 1  ? 4.945   -5.225  -10.383 1.00 1.98 ? 1  G A "C2'"  1 
ATOM 8   O "O2'"  . G A 1 1  ? 4.756   -6.419  -11.149 1.00 2.14 ? 1  G A "O2'"  1 
ATOM 9   C "C1'"  . G A 1 1  ? 6.411   -4.820  -10.374 1.00 2.11 ? 1  G A "C1'"  1 
ATOM 10  N N9     . G A 1 1  ? 6.748   -3.942  -9.238  1.00 1.95 ? 1  G A N9     1 
ATOM 11  C C8     . G A 1 1  ? 7.183   -2.640  -9.263  1.00 1.91 ? 1  G A C8     1 
ATOM 12  N N7     . G A 1 1  ? 7.398   -2.136  -8.080  1.00 1.75 ? 1  G A N7     1 
ATOM 13  C C5     . G A 1 1  ? 7.084   -3.174  -7.210  1.00 1.69 ? 1  G A C5     1 
ATOM 14  C C6     . G A 1 1  ? 7.126   -3.215  -5.789  1.00 1.56 ? 1  G A C6     1 
ATOM 15  O O6     . G A 1 1  ? 7.457   -2.324  -5.011  1.00 1.45 ? 1  G A O6     1 
ATOM 16  N N1     . G A 1 1  ? 6.730   -4.451  -5.301  1.00 1.60 ? 1  G A N1     1 
ATOM 17  C C2     . G A 1 1  ? 6.342   -5.520  -6.078  1.00 1.73 ? 1  G A C2     1 
ATOM 18  N N2     . G A 1 1  ? 5.995   -6.637  -5.438  1.00 1.78 ? 1  G A N2     1 
ATOM 19  N N3     . G A 1 1  ? 6.299   -5.492  -7.414  1.00 1.84 ? 1  G A N3     1 
ATOM 20  C C4     . G A 1 1  ? 6.684   -4.288  -7.908  1.00 1.82 ? 1  G A C4     1 
ATOM 21  H "H5'"  . G A 1 1  ? 6.209   -1.936  -13.124 1.00 2.49 ? 1  G A "H5'"  1 
ATOM 22  H "H5''" . G A 1 1  ? 4.484   -1.766  -12.742 1.00 2.29 ? 1  G A "H5''" 1 
ATOM 23  H "H4'"  . G A 1 1  ? 5.160   -4.128  -13.067 1.00 2.37 ? 1  G A "H4'"  1 
ATOM 24  H "H3'"  . G A 1 1  ? 4.042   -3.228  -10.398 1.00 1.84 ? 1  G A "H3'"  1 
ATOM 25  H "H2'"  . G A 1 1  ? 4.562   -5.338  -9.369  1.00 1.82 ? 1  G A "H2'"  1 
ATOM 26  H "HO2'" . G A 1 1  ? 4.209   -7.010  -10.626 1.00 2.45 ? 1  G A "HO2'" 1 
ATOM 27  H "H1'"  . G A 1 1  ? 7.060   -5.695  -10.364 1.00 2.24 ? 1  G A "H1'"  1 
ATOM 28  H H8     . G A 1 1  ? 7.336   -2.080  -10.186 1.00 2.02 ? 1  G A H8     1 
ATOM 29  H H1     . G A 1 1  ? 6.728   -4.570  -4.298  1.00 1.55 ? 1  G A H1     1 
ATOM 30  H H21    . G A 1 1  ? 5.985   -6.659  -4.428  1.00 1.75 ? 1  G A H21    1 
ATOM 31  H H22    . G A 1 1  ? 5.741   -7.463  -5.962  1.00 1.88 ? 1  G A H22    1 
ATOM 32  H "HO5'" . G A 1 1  ? 5.592   -0.481  -11.339 1.00 2.26 ? 1  G A "HO5'" 1 
ATOM 33  P P      . G A 1 2  ? 1.697   -4.414  -11.160 1.00 1.77 ? 2  G A P      1 
ATOM 34  O OP1    . G A 1 2  ? 0.727   -4.945  -12.145 1.00 1.86 ? 2  G A OP1    1 
ATOM 35  O OP2    . G A 1 2  ? 1.525   -3.047  -10.619 1.00 1.66 ? 2  G A OP2    1 
ATOM 36  O "O5'"  . G A 1 2  ? 1.769   -5.441  -9.922  1.00 1.65 ? 2  G A "O5'"  1 
ATOM 37  C "C5'"  . G A 1 2  ? 1.477   -6.827  -10.112 1.00 1.76 ? 2  G A "C5'"  1 
ATOM 38  C "C4'"  . G A 1 2  ? 1.411   -7.577  -8.784  1.00 1.68 ? 2  G A "C4'"  1 
ATOM 39  O "O4'"  . G A 1 2  ? 2.665   -7.443  -8.103  1.00 1.66 ? 2  G A "O4'"  1 
ATOM 40  C "C3'"  . G A 1 2  ? 0.394   -7.037  -7.795  1.00 1.50 ? 2  G A "C3'"  1 
ATOM 41  O "O3'"  . G A 1 2  ? -0.822  -7.764  -7.992  1.00 1.53 ? 2  G A "O3'"  1 
ATOM 42  C "C2'"  . G A 1 2  ? 0.965   -7.470  -6.457  1.00 1.45 ? 2  G A "C2'"  1 
ATOM 43  O "O2'"  . G A 1 2  ? 0.654   -8.842  -6.197  1.00 1.57 ? 2  G A "O2'"  1 
ATOM 44  C "C1'"  . G A 1 2  ? 2.464   -7.293  -6.686  1.00 1.52 ? 2  G A "C1'"  1 
ATOM 45  N N9     . G A 1 2  ? 2.941   -5.956  -6.279  1.00 1.39 ? 2  G A N9     1 
ATOM 46  C C8     . G A 1 2  ? 3.012   -4.810  -7.028  1.00 1.36 ? 2  G A C8     1 
ATOM 47  N N7     . G A 1 2  ? 3.483   -3.784  -6.375  1.00 1.25 ? 2  G A N7     1 
ATOM 48  C C5     . G A 1 2  ? 3.744   -4.285  -5.105  1.00 1.20 ? 2  G A C5     1 
ATOM 49  C C6     . G A 1 2  ? 4.271   -3.630  -3.957  1.00 1.11 ? 2  G A C6     1 
ATOM 50  O O6     . G A 1 2  ? 4.618   -2.456  -3.841  1.00 1.02 ? 2  G A O6     1 
ATOM 51  N N1     . G A 1 2  ? 4.376   -4.493  -2.879  1.00 1.17 ? 2  G A N1     1 
ATOM 52  C C2     . G A 1 2  ? 4.021   -5.823  -2.894  1.00 1.28 ? 2  G A C2     1 
ATOM 53  N N2     . G A 1 2  ? 4.186   -6.503  -1.758  1.00 1.37 ? 2  G A N2     1 
ATOM 54  N N3     . G A 1 2  ? 3.525   -6.450  -3.965  1.00 1.34 ? 2  G A N3     1 
ATOM 55  C C4     . G A 1 2  ? 3.415   -5.618  -5.033  1.00 1.30 ? 2  G A C4     1 
ATOM 56  H "H5'"  . G A 1 2  ? 2.254   -7.272  -10.733 1.00 1.89 ? 2  G A "H5'"  1 
ATOM 57  H "H5''" . G A 1 2  ? 0.518   -6.921  -10.621 1.00 1.80 ? 2  G A "H5''" 1 
ATOM 58  H "H4'"  . G A 1 2  ? 1.229   -8.633  -8.985  1.00 1.79 ? 2  G A "H4'"  1 
ATOM 59  H "H3'"  . G A 1 2  ? 0.241   -5.961  -7.874  1.00 1.41 ? 2  G A "H3'"  1 
ATOM 60  H "H2'"  . G A 1 2  ? 0.614   -6.827  -5.653  1.00 1.32 ? 2  G A "H2'"  1 
ATOM 61  H "HO2'" . G A 1 2  ? 0.065   -9.138  -6.895  1.00 1.58 ? 2  G A "HO2'" 1 
ATOM 62  H "H1'"  . G A 1 2  ? 3.034   -8.056  -6.156  1.00 1.60 ? 2  G A "H1'"  1 
ATOM 63  H H8     . G A 1 2  ? 2.698   -4.760  -8.071  1.00 1.45 ? 2  G A H8     1 
ATOM 64  H H1     . G A 1 2  ? 4.742   -4.111  -2.018  1.00 1.15 ? 2  G A H1     1 
ATOM 65  H H21    . G A 1 2  ? 4.513   -6.029  -0.928  1.00 1.36 ? 2  G A H21    1 
ATOM 66  H H22    . G A 1 2  ? 3.983   -7.492  -1.728  1.00 1.46 ? 2  G A H22    1 
ATOM 67  P P      . U A 1 3  ? -2.241  -7.100  -7.616  1.00 1.45 ? 3  U A P      1 
ATOM 68  O OP1    . U A 1 3  ? -3.312  -8.034  -8.026  1.00 1.58 ? 3  U A OP1    1 
ATOM 69  O OP2    . U A 1 3  ? -2.246  -5.707  -8.113  1.00 1.38 ? 3  U A OP2    1 
ATOM 70  O "O5'"  . U A 1 3  ? -2.195  -7.061  -6.006  1.00 1.33 ? 3  U A "O5'"  1 
ATOM 71  C "C5'"  . U A 1 3  ? -2.307  -8.270  -5.251  1.00 1.40 ? 3  U A "C5'"  1 
ATOM 72  C "C4'"  . U A 1 3  ? -2.043  -8.039  -3.766  1.00 1.30 ? 3  U A "C4'"  1 
ATOM 73  O "O4'"  . U A 1 3  ? -0.684  -7.639  -3.578  1.00 1.28 ? 3  U A "O4'"  1 
ATOM 74  C "C3'"  . U A 1 3  ? -2.831  -6.907  -3.141  1.00 1.12 ? 3  U A "C3'"  1 
ATOM 75  O "O3'"  . U A 1 3  ? -4.057  -7.458  -2.654  1.00 1.15 ? 3  U A "O3'"  1 
ATOM 76  C "C2'"  . U A 1 3  ? -1.991  -6.539  -1.928  1.00 1.07 ? 3  U A "C2'"  1 
ATOM 77  O "O2'"  . U A 1 3  ? -2.298  -7.395  -0.824  1.00 1.18 ? 3  U A "O2'"  1 
ATOM 78  C "C1'"  . U A 1 3  ? -0.565  -6.790  -2.422  1.00 1.15 ? 3  U A "C1'"  1 
ATOM 79  N N1     . U A 1 3  ? 0.109   -5.527  -2.823  1.00 1.03 ? 3  U A N1     1 
ATOM 80  C C2     . U A 1 3  ? 1.040   -4.975  -1.953  1.00 1.00 ? 3  U A C2     1 
ATOM 81  O O2     . U A 1 3  ? 1.332   -5.501  -0.882  1.00 1.10 ? 3  U A O2     1 
ATOM 82  N N3     . U A 1 3  ? 1.624   -3.793  -2.362  1.00 0.90 ? 3  U A N3     1 
ATOM 83  C C4     . U A 1 3  ? 1.367   -3.122  -3.542  1.00 0.84 ? 3  U A C4     1 
ATOM 84  O O4     . U A 1 3  ? 1.954   -2.072  -3.794  1.00 0.79 ? 3  U A O4     1 
ATOM 85  C C5     . U A 1 3  ? 0.389   -3.757  -4.394  1.00 0.92 ? 3  U A C5     1 
ATOM 86  C C6     . U A 1 3  ? -0.198  -4.920  -4.012  1.00 1.00 ? 3  U A C6     1 
ATOM 87  H "H5'"  . U A 1 3  ? -1.586  -8.993  -5.630  1.00 1.53 ? 3  U A "H5'"  1 
ATOM 88  H "H5''" . U A 1 3  ? -3.312  -8.674  -5.373  1.00 1.44 ? 3  U A "H5''" 1 
ATOM 89  H "H4'"  . U A 1 3  ? -2.215  -8.970  -3.227  1.00 1.39 ? 3  U A "H4'"  1 
ATOM 90  H "H3'"  . U A 1 3  ? -3.003  -6.072  -3.819  1.00 1.06 ? 3  U A "H3'"  1 
ATOM 91  H "H2'"  . U A 1 3  ? -2.128  -5.495  -1.663  1.00 0.94 ? 3  U A "H2'"  1 
ATOM 92  H "HO2'" . U A 1 3  ? -2.157  -6.888  -0.022  1.00 1.33 ? 3  U A "HO2'" 1 
ATOM 93  H "H1'"  . U A 1 3  ? 0.024   -7.306  -1.660  1.00 1.24 ? 3  U A "H1'"  1 
ATOM 94  H H3     . U A 1 3  ? 2.302   -3.378  -1.738  1.00 0.90 ? 3  U A H3     1 
ATOM 95  H H5     . U A 1 3  ? 0.120   -3.300  -5.347  1.00 0.95 ? 3  U A H5     1 
ATOM 96  H H6     . U A 1 3  ? -0.935  -5.380  -4.667  1.00 1.07 ? 3  U A H6     1 
ATOM 97  P P      . G A 1 4  ? -5.237  -6.488  -2.146  1.00 1.10 ? 4  G A P      1 
ATOM 98  O OP1    . G A 1 4  ? -6.337  -7.331  -1.626  1.00 1.19 ? 4  G A OP1    1 
ATOM 99  O OP2    . G A 1 4  ? -5.508  -5.493  -3.207  1.00 1.09 ? 4  G A OP2    1 
ATOM 100 O "O5'"  . G A 1 4  ? -4.555  -5.725  -0.903  1.00 1.07 ? 4  G A "O5'"  1 
ATOM 101 C "C5'"  . G A 1 4  ? -4.652  -6.268  0.416   1.00 1.06 ? 4  G A "C5'"  1 
ATOM 102 C "C4'"  . G A 1 4  ? -4.230  -5.258  1.480   1.00 0.84 ? 4  G A "C4'"  1 
ATOM 103 O "O4'"  . G A 1 4  ? -2.847  -4.927  1.308   1.00 0.98 ? 4  G A "O4'"  1 
ATOM 104 C "C3'"  . G A 1 4  ? -4.935  -3.917  1.412   1.00 0.51 ? 4  G A "C3'"  1 
ATOM 105 O "O3'"  . G A 1 4  ? -6.097  -4.008  2.242   1.00 0.38 ? 4  G A "O3'"  1 
ATOM 106 C "C2'"  . G A 1 4  ? -3.951  -2.995  2.114   1.00 0.50 ? 4  G A "C2'"  1 
ATOM 107 O "O2'"  . G A 1 4  ? -4.064  -3.134  3.533   1.00 0.66 ? 4  G A "O2'"  1 
ATOM 108 C "C1'"  . G A 1 4  ? -2.613  -3.544  1.630   1.00 0.75 ? 4  G A "C1'"  1 
ATOM 109 N N9     . G A 1 4  ? -2.104  -2.855  0.425   1.00 0.66 ? 4  G A N9     1 
ATOM 110 C C8     . G A 1 4  ? -2.541  -2.961  -0.871  1.00 0.69 ? 4  G A C8     1 
ATOM 111 N N7     . G A 1 4  ? -1.870  -2.224  -1.714  1.00 0.65 ? 4  G A N7     1 
ATOM 112 C C5     . G A 1 4  ? -0.920  -1.586  -0.924  1.00 0.55 ? 4  G A C5     1 
ATOM 113 C C6     . G A 1 4  ? 0.097   -0.658  -1.289  1.00 0.48 ? 4  G A C6     1 
ATOM 114 O O6     . G A 1 4  ? 0.355   -0.207  -2.404  1.00 0.49 ? 4  G A O6     1 
ATOM 115 N N1     . G A 1 4  ? 0.840   -0.258  -0.191  1.00 0.46 ? 4  G A N1     1 
ATOM 116 C C2     . G A 1 4  ? 0.638   -0.689  1.101   1.00 0.56 ? 4  G A C2     1 
ATOM 117 N N2     . G A 1 4  ? 1.450   -0.195  2.035   1.00 0.65 ? 4  G A N2     1 
ATOM 118 N N3     . G A 1 4  ? -0.313  -1.560  1.456   1.00 0.62 ? 4  G A N3     1 
ATOM 119 C C4     . G A 1 4  ? -1.052  -1.966  0.391   1.00 0.59 ? 4  G A C4     1 
ATOM 120 H "H5'"  . G A 1 4  ? -4.010  -7.147  0.486   1.00 1.38 ? 4  G A "H5'"  1 
ATOM 121 H "H5''" . G A 1 4  ? -5.684  -6.566  0.601   1.00 1.15 ? 4  G A "H5''" 1 
ATOM 122 H "H4'"  . G A 1 4  ? -4.365  -5.710  2.463   1.00 0.90 ? 4  G A "H4'"  1 
ATOM 123 H "H3'"  . G A 1 4  ? -5.178  -3.601  0.397   1.00 0.54 ? 4  G A "H3'"  1 
ATOM 124 H "H2'"  . G A 1 4  ? -4.080  -1.964  1.811   1.00 0.36 ? 4  G A "H2'"  1 
ATOM 125 H "HO2'" . G A 1 4  ? -4.974  -2.939  3.768   1.00 0.93 ? 4  G A "HO2'" 1 
ATOM 126 H "H1'"  . G A 1 4  ? -1.877  -3.472  2.417   1.00 0.92 ? 4  G A "H1'"  1 
ATOM 127 H H8     . G A 1 4  ? -3.363  -3.608  -1.170  1.00 0.77 ? 4  G A H8     1 
ATOM 128 H H1     . G A 1 4  ? 1.582   0.407   -0.357  1.00 0.42 ? 4  G A H1     1 
ATOM 129 H H21    . G A 1 4  ? 2.142   0.498   1.787   1.00 0.61 ? 4  G A H21    1 
ATOM 130 H H22    . G A 1 4  ? 1.373   -0.512  2.991   1.00 0.77 ? 4  G A H22    1 
ATOM 131 P P      . C A 1 5  ? -7.550  -3.612  1.668   1.00 0.50 ? 5  C A P      1 
ATOM 132 O OP1    . C A 1 5  ? -8.575  -4.181  2.571   1.00 0.95 ? 5  C A OP1    1 
ATOM 133 O OP2    . C A 1 5  ? -7.581  -3.929  0.223   1.00 1.01 ? 5  C A OP2    1 
ATOM 134 O "O5'"  . C A 1 5  ? -7.565  -2.011  1.835   1.00 0.25 ? 5  C A "O5'"  1 
ATOM 135 C "C5'"  . C A 1 5  ? -7.798  -1.418  3.114   1.00 0.22 ? 5  C A "C5'"  1 
ATOM 136 C "C4'"  . C A 1 5  ? -7.219  -0.018  3.197   1.00 0.14 ? 5  C A "C4'"  1 
ATOM 137 O "O4'"  . C A 1 5  ? -5.830  -0.075  2.891   1.00 0.17 ? 5  C A "O4'"  1 
ATOM 138 C "C3'"  . C A 1 5  ? -7.813  0.973   2.219   1.00 0.17 ? 5  C A "C3'"  1 
ATOM 139 O "O3'"  . C A 1 5  ? -8.800  1.743   2.934   1.00 0.27 ? 5  C A "O3'"  1 
ATOM 140 C "C2'"  . C A 1 5  ? -6.657  1.910   1.919   1.00 0.14 ? 5  C A "C2'"  1 
ATOM 141 O "O2'"  . C A 1 5  ? -6.605  2.977   2.870   1.00 0.17 ? 5  C A "O2'"  1 
ATOM 142 C "C1'"  . C A 1 5  ? -5.447  1.008   2.046   1.00 0.16 ? 5  C A "C1'"  1 
ATOM 143 N N1     . C A 1 5  ? -5.071  0.472   0.730   1.00 0.26 ? 5  C A N1     1 
ATOM 144 C C2     . C A 1 5  ? -4.154  1.173   -0.028  1.00 0.46 ? 5  C A C2     1 
ATOM 145 O O2     . C A 1 5  ? -3.645  2.196   0.421   1.00 0.59 ? 5  C A O2     1 
ATOM 146 N N3     . C A 1 5  ? -3.848  0.709   -1.273  1.00 0.57 ? 5  C A N3     1 
ATOM 147 C C4     . C A 1 5  ? -4.428  -0.404  -1.745  1.00 0.48 ? 5  C A C4     1 
ATOM 148 N N4     . C A 1 5  ? -4.093  -0.814  -2.968  1.00 0.60 ? 5  C A N4     1 
ATOM 149 C C5     . C A 1 5  ? -5.376  -1.126  -0.953  1.00 0.31 ? 5  C A C5     1 
ATOM 150 C C6     . C A 1 5  ? -5.658  -0.653  0.266   1.00 0.21 ? 5  C A C6     1 
ATOM 151 H "H5'"  . C A 1 5  ? -7.344  -2.042  3.884   1.00 0.36 ? 5  C A "H5'"  1 
ATOM 152 H "H5''" . C A 1 5  ? -8.864  -1.360  3.287   1.00 0.34 ? 5  C A "H5''" 1 
ATOM 153 H "H4'"  . C A 1 5  ? -7.343  0.357   4.208   1.00 0.18 ? 5  C A "H4'"  1 
ATOM 154 H "H3'"  . C A 1 5  ? -8.232  0.503   1.329   1.00 0.24 ? 5  C A "H3'"  1 
ATOM 155 H "H2'"  . C A 1 5  ? -6.719  2.282   0.906   1.00 0.20 ? 5  C A "H2'"  1 
ATOM 156 H "HO2'" . C A 1 5  ? -7.293  3.604   2.634   1.00 0.93 ? 5  C A "HO2'" 1 
ATOM 157 H "H1'"  . C A 1 5  ? -4.615  1.529   2.496   1.00 0.22 ? 5  C A "H1'"  1 
ATOM 158 H H41    . C A 1 5  ? -3.393  -0.311  -3.495  1.00 0.75 ? 5  C A H41    1 
ATOM 159 H H42    . C A 1 5  ? -4.539  -1.626  -3.368  1.00 0.55 ? 5  C A H42    1 
ATOM 160 H H5     . C A 1 5  ? -5.865  -2.023  -1.317  1.00 0.32 ? 5  C A H5     1 
ATOM 161 H H6     . C A 1 5  ? -6.352  -1.184  0.904   1.00 0.20 ? 5  C A H6     1 
ATOM 162 P P      . A A 1 6  ? -9.888  1.041   3.908   1.00 0.33 ? 6  A A P      1 
ATOM 163 O OP1    . A A 1 6  ? -10.513 -0.080  3.170   1.00 0.37 ? 6  A A OP1    1 
ATOM 164 O OP2    . A A 1 6  ? -10.735 2.101   4.497   1.00 0.44 ? 6  A A OP2    1 
ATOM 165 O "O5'"  . A A 1 6  ? -8.962  0.422   5.078   1.00 0.26 ? 6  A A "O5'"  1 
ATOM 166 C "C5'"  . A A 1 6  ? -9.234  0.666   6.460   1.00 0.35 ? 6  A A "C5'"  1 
ATOM 167 C "C4'"  . A A 1 6  ? -8.516  1.912   6.977   1.00 0.37 ? 6  A A "C4'"  1 
ATOM 168 O "O4'"  . A A 1 6  ? -7.088  1.711   6.951   1.00 0.34 ? 6  A A "O4'"  1 
ATOM 169 C "C3'"  . A A 1 6  ? -8.754  3.173   6.149   1.00 0.35 ? 6  A A "C3'"  1 
ATOM 170 O "O3'"  . A A 1 6  ? -8.785  4.273   7.063   1.00 0.42 ? 6  A A "O3'"  1 
ATOM 171 C "C2'"  . A A 1 6  ? -7.490  3.317   5.322   1.00 0.27 ? 6  A A "C2'"  1 
ATOM 172 O "O2'"  . A A 1 6  ? -7.246  4.684   4.988   1.00 0.30 ? 6  A A "O2'"  1 
ATOM 173 C "C1'"  . A A 1 6  ? -6.451  2.812   6.291   1.00 0.30 ? 6  A A "C1'"  1 
ATOM 174 N N9     . A A 1 6  ? -5.231  2.368   5.601   1.00 0.26 ? 6  A A N9     1 
ATOM 175 C C8     . A A 1 6  ? -4.835  1.105   5.275   1.00 0.26 ? 6  A A C8     1 
ATOM 176 N N7     . A A 1 6  ? -3.680  1.056   4.667   1.00 0.29 ? 6  A A N7     1 
ATOM 177 C C5     . A A 1 6  ? -3.297  2.388   4.584   1.00 0.28 ? 6  A A C5     1 
ATOM 178 C C6     . A A 1 6  ? -2.170  3.027   4.045   1.00 0.31 ? 6  A A C6     1 
ATOM 179 N N6     . A A 1 6  ? -1.162  2.378   3.463   1.00 0.37 ? 6  A A N6     1 
ATOM 180 N N1     . A A 1 6  ? -2.115  4.365   4.130   1.00 0.31 ? 6  A A N1     1 
ATOM 181 C C2     . A A 1 6  ? -3.117  5.014   4.711   1.00 0.29 ? 6  A A C2     1 
ATOM 182 N N3     . A A 1 6  ? -4.218  4.533   5.253   1.00 0.28 ? 6  A A N3     1 
ATOM 183 C C4     . A A 1 6  ? -4.240  3.194   5.151   1.00 0.26 ? 6  A A C4     1 
ATOM 184 H "H5'"  . A A 1 6  ? -8.908  -0.196  7.042   1.00 0.38 ? 6  A A "H5'"  1 
ATOM 185 H "H5''" . A A 1 6  ? -10.307 0.797   6.591   1.00 0.42 ? 6  A A "H5''" 1 
ATOM 186 H "H4'"  . A A 1 6  ? -8.822  2.081   8.008   1.00 0.45 ? 6  A A "H4'"  1 
ATOM 187 H "H3'"  . A A 1 6  ? -9.655  3.126   5.545   1.00 0.38 ? 6  A A "H3'"  1 
ATOM 188 H "H2'"  . A A 1 6  ? -7.521  2.685   4.434   1.00 0.22 ? 6  A A "H2'"  1 
ATOM 189 H "HO2'" . A A 1 6  ? -6.765  4.695   4.157   1.00 0.48 ? 6  A A "HO2'" 1 
ATOM 190 H "H1'"  . A A 1 6  ? -6.196  3.576   7.025   1.00 0.36 ? 6  A A "H1'"  1 
ATOM 191 H H8     . A A 1 6  ? -5.446  0.234   5.456   1.00 0.27 ? 6  A A H8     1 
ATOM 192 H H61    . A A 1 6  ? -0.381  2.894   3.083   1.00 0.42 ? 6  A A H61    1 
ATOM 193 H H62    . A A 1 6  ? -1.179  1.370   3.401   1.00 0.38 ? 6  A A H62    1 
ATOM 194 H H2     . A A 1 6  ? -3.030  6.093   4.726   1.00 0.31 ? 6  A A H2     1 
ATOM 195 P P      . U A 1 7  ? -10.156 5.075   7.326   1.00 0.52 ? 7  U A P      1 
ATOM 196 O OP1    . U A 1 7  ? -9.881  6.157   8.298   1.00 0.78 ? 7  U A OP1    1 
ATOM 197 O OP2    . U A 1 7  ? -11.224 4.088   7.601   1.00 0.97 ? 7  U A OP2    1 
ATOM 198 O "O5'"  . U A 1 7  ? -10.447 5.747   5.889   1.00 0.53 ? 7  U A "O5'"  1 
ATOM 199 C "C5'"  . U A 1 7  ? -9.370  6.188   5.052   1.00 0.43 ? 7  U A "C5'"  1 
ATOM 200 C "C4'"  . U A 1 7  ? -9.299  7.710   4.985   1.00 0.48 ? 7  U A "C4'"  1 
ATOM 201 O "O4'"  . U A 1 7  ? -8.940  8.219   6.275   1.00 0.45 ? 7  U A "O4'"  1 
ATOM 202 C "C3'"  . U A 1 7  ? -8.245  8.254   4.023   1.00 0.54 ? 7  U A "C3'"  1 
ATOM 203 O "O3'"  . U A 1 7  ? -8.769  9.465   3.472   1.00 0.77 ? 7  U A "O3'"  1 
ATOM 204 C "C2'"  . U A 1 7  ? -7.074  8.639   4.915   1.00 0.52 ? 7  U A "C2'"  1 
ATOM 205 O "O2'"  . U A 1 7  ? -6.362  9.747   4.356   1.00 0.78 ? 7  U A "O2'"  1 
ATOM 206 C "C1'"  . U A 1 7  ? -7.778  9.052   6.198   1.00 0.52 ? 7  U A "C1'"  1 
ATOM 207 N N1     . U A 1 7  ? -6.947  8.805   7.407   1.00 0.50 ? 7  U A N1     1 
ATOM 208 C C2     . U A 1 7  ? -6.605  9.889   8.206   1.00 0.70 ? 7  U A C2     1 
ATOM 209 O O2     . U A 1 7  ? -6.962  11.037  7.948   1.00 0.85 ? 7  U A O2     1 
ATOM 210 N N3     . U A 1 7  ? -5.840  9.604   9.321   1.00 0.77 ? 7  U A N3     1 
ATOM 211 C C4     . U A 1 7  ? -5.391  8.354   9.703   1.00 0.70 ? 7  U A C4     1 
ATOM 212 O O4     . U A 1 7  ? -4.712  8.228   10.719  1.00 0.85 ? 7  U A O4     1 
ATOM 213 C C5     . U A 1 7  ? -5.786  7.277   8.824   1.00 0.52 ? 7  U A C5     1 
ATOM 214 C C6     . U A 1 7  ? -6.538  7.534   7.724   1.00 0.39 ? 7  U A C6     1 
ATOM 215 H "H5'"  . U A 1 7  ? -9.517  5.793   4.047   1.00 0.55 ? 7  U A "H5'"  1 
ATOM 216 H "H5''" . U A 1 7  ? -8.428  5.806   5.444   1.00 0.30 ? 7  U A "H5''" 1 
ATOM 217 H "H4'"  . U A 1 7  ? -10.285 8.093   4.721   1.00 0.64 ? 7  U A "H4'"  1 
ATOM 218 H "H3'"  . U A 1 7  ? -7.971  7.542   3.248   1.00 0.56 ? 7  U A "H3'"  1 
ATOM 219 H "H2'"  . U A 1 7  ? -6.412  7.791   5.079   1.00 0.42 ? 7  U A "H2'"  1 
ATOM 220 H "HO2'" . U A 1 7  ? -6.642  9.835   3.441   1.00 0.89 ? 7  U A "HO2'" 1 
ATOM 221 H "H1'"  . U A 1 7  ? -8.089  10.097  6.150   1.00 0.68 ? 7  U A "H1'"  1 
ATOM 222 H H3     . U A 1 7  ? -5.585  10.382  9.912   1.00 0.92 ? 7  U A H3     1 
ATOM 223 H H5     . U A 1 7  ? -5.479  6.254   9.045   1.00 0.54 ? 7  U A H5     1 
ATOM 224 H H6     . U A 1 7  ? -6.829  6.708   7.076   1.00 0.28 ? 7  U A H6     1 
ATOM 225 P P      . G A 1 8  ? -9.230  9.533   1.930   1.00 0.77 ? 8  G A P      1 
ATOM 226 O OP1    . G A 1 8  ? -8.523  10.661  1.283   1.00 1.62 ? 8  G A OP1    1 
ATOM 227 O OP2    . G A 1 8  ? -10.710 9.466   1.886   1.00 1.73 ? 8  G A OP2    1 
ATOM 228 O "O5'"  . G A 1 8  ? -8.642  8.160   1.323   1.00 0.66 ? 8  G A "O5'"  1 
ATOM 229 C "C5'"  . G A 1 8  ? -7.477  8.169   0.489   1.00 0.47 ? 8  G A "C5'"  1 
ATOM 230 C "C4'"  . G A 1 8  ? -6.228  7.761   1.260   1.00 0.27 ? 8  G A "C4'"  1 
ATOM 231 O "O4'"  . G A 1 8  ? -6.528  6.614   2.069   1.00 0.23 ? 8  G A "O4'"  1 
ATOM 232 C "C3'"  . G A 1 8  ? -5.048  7.327   0.377   1.00 0.31 ? 8  G A "C3'"  1 
ATOM 233 O "O3'"  . G A 1 8  ? -4.026  8.302   0.547   1.00 0.45 ? 8  G A "O3'"  1 
ATOM 234 C "C2'"  . G A 1 8  ? -4.554  6.048   1.034   1.00 0.23 ? 8  G A "C2'"  1 
ATOM 235 O "O2'"  . G A 1 8  ? -3.694  6.352   2.136   1.00 0.28 ? 8  G A "O2'"  1 
ATOM 236 C "C1'"  . G A 1 8  ? -5.868  5.475   1.526   1.00 0.21 ? 8  G A "C1'"  1 
ATOM 237 N N9     . G A 1 8  ? -6.730  4.923   0.446   1.00 0.25 ? 8  G A N9     1 
ATOM 238 C C8     . G A 1 8  ? -6.446  4.729   -0.890  1.00 0.37 ? 8  G A C8     1 
ATOM 239 N N7     . G A 1 8  ? -7.444  4.245   -1.572  1.00 0.40 ? 8  G A N7     1 
ATOM 240 C C5     . G A 1 8  ? -8.461  4.106   -0.638  1.00 0.31 ? 8  G A C5     1 
ATOM 241 C C6     . G A 1 8  ? -9.787  3.624   -0.806  1.00 0.34 ? 8  G A C6     1 
ATOM 242 O O6     . G A 1 8  ? -10.326 3.219   -1.834  1.00 0.43 ? 8  G A O6     1 
ATOM 243 N N1     . G A 1 8  ? -10.493 3.644   0.384   1.00 0.30 ? 8  G A N1     1 
ATOM 244 C C2     . G A 1 8  ? -9.991  4.075   1.592   1.00 0.26 ? 8  G A C2     1 
ATOM 245 N N2     . G A 1 8  ? -10.813 4.020   2.642   1.00 0.34 ? 8  G A N2     1 
ATOM 246 N N3     . G A 1 8  ? -8.745  4.531   1.761   1.00 0.19 ? 8  G A N3     1 
ATOM 247 C C4     . G A 1 8  ? -8.038  4.518   0.603   1.00 0.22 ? 8  G A C4     1 
ATOM 248 H "H5'"  . G A 1 8  ? -7.326  9.171   0.087   1.00 0.56 ? 8  G A "H5'"  1 
ATOM 249 H "H5''" . G A 1 8  ? -7.627  7.472   -0.335  1.00 0.50 ? 8  G A "H5''" 1 
ATOM 250 H "H4'"  . G A 1 8  ? -5.932  8.584   1.910   1.00 0.32 ? 8  G A "H4'"  1 
ATOM 251 H "H3'"  . G A 1 8  ? -5.315  7.199   -0.672  1.00 0.41 ? 8  G A "H3'"  1 
ATOM 252 H "H2'"  . G A 1 8  ? -4.063  5.388   0.322   1.00 0.26 ? 8  G A "H2'"  1 
ATOM 253 H "HO2'" . G A 1 8  ? -3.127  7.079   1.864   1.00 0.34 ? 8  G A "HO2'" 1 
ATOM 254 H "H1'"  . G A 1 8  ? -5.708  4.728   2.305   1.00 0.23 ? 8  G A "H1'"  1 
ATOM 255 H H8     . G A 1 8  ? -5.486  4.966   -1.344  1.00 0.44 ? 8  G A H8     1 
ATOM 256 H H1     . G A 1 8  ? -11.449 3.318   0.358   1.00 0.36 ? 8  G A H1     1 
ATOM 257 H H21    . G A 1 8  ? -11.779 3.754   2.513   1.00 0.39 ? 8  G A H21    1 
ATOM 258 H H22    . G A 1 8  ? -10.469 4.246   3.563   1.00 0.39 ? 8  G A H22    1 
ATOM 259 P P      . G A 1 9  ? -4.005  9.632   -0.354  1.00 0.68 ? 9  G A P      1 
ATOM 260 O OP1    . G A 1 9  ? -5.154  10.479  0.033   1.00 0.98 ? 9  G A OP1    1 
ATOM 261 O OP2    . G A 1 9  ? -3.816  9.234   -1.767  1.00 1.11 ? 9  G A OP2    1 
ATOM 262 O "O5'"  . G A 1 9  ? -2.657  10.340  0.156   1.00 0.60 ? 9  G A "O5'"  1 
ATOM 263 C "C5'"  . G A 1 9  ? -2.219  10.148  1.504   1.00 0.88 ? 9  G A "C5'"  1 
ATOM 264 C "C4'"  . G A 1 9  ? -1.170  9.043   1.619   1.00 0.70 ? 9  G A "C4'"  1 
ATOM 265 O "O4'"  . G A 1 9  ? -1.739  7.770   1.248   1.00 0.50 ? 9  G A "O4'"  1 
ATOM 266 C "C3'"  . G A 1 9  ? 0.048   9.226   0.716   1.00 0.70 ? 9  G A "C3'"  1 
ATOM 267 O "O3'"  . G A 1 9  ? 1.184   8.799   1.467   1.00 0.68 ? 9  G A "O3'"  1 
ATOM 268 C "C2'"  . G A 1 9  ? -0.158  8.224   -0.410  1.00 0.58 ? 9  G A "C2'"  1 
ATOM 269 O "O2'"  . G A 1 9  ? 1.099   7.775   -0.922  1.00 0.61 ? 9  G A "O2'"  1 
ATOM 270 C "C1'"  . G A 1 9  ? -0.888  7.097   0.311   1.00 0.42 ? 9  G A "C1'"  1 
ATOM 271 N N9     . G A 1 9  ? -1.701  6.265   -0.608  1.00 0.28 ? 9  G A N9     1 
ATOM 272 C C8     . G A 1 9  ? -2.562  6.671   -1.593  1.00 0.26 ? 9  G A C8     1 
ATOM 273 N N7     . G A 1 9  ? -3.051  5.698   -2.306  1.00 0.24 ? 9  G A N7     1 
ATOM 274 C C5     . G A 1 9  ? -2.484  4.560   -1.753  1.00 0.19 ? 9  G A C5     1 
ATOM 275 C C6     . G A 1 9  ? -2.649  3.198   -2.119  1.00 0.26 ? 9  G A C6     1 
ATOM 276 O O6     . G A 1 9  ? -3.338  2.728   -3.021  1.00 0.38 ? 9  G A O6     1 
ATOM 277 N N1     . G A 1 9  ? -1.906  2.360   -1.308  1.00 0.27 ? 9  G A N1     1 
ATOM 278 C C2     . G A 1 9  ? -1.104  2.771   -0.271  1.00 0.28 ? 9  G A C2     1 
ATOM 279 N N2     . G A 1 9  ? -0.527  1.812   0.450   1.00 0.37 ? 9  G A N2     1 
ATOM 280 N N3     . G A 1 9  ? -0.932  4.051   0.080   1.00 0.28 ? 9  G A N3     1 
ATOM 281 C C4     . G A 1 9  ? -1.655  4.889   -0.705  1.00 0.22 ? 9  G A C4     1 
ATOM 282 H "H5'"  . G A 1 9  ? -3.074  9.892   2.130   1.00 1.53 ? 9  G A "H5'"  1 
ATOM 283 H "H5''" . G A 1 9  ? -1.786  11.080  1.864   1.00 1.48 ? 9  G A "H5''" 1 
ATOM 284 H "H4'"  . G A 1 9  ? -0.853  8.984   2.658   1.00 0.79 ? 9  G A "H4'"  1 
ATOM 285 H "H3'"  . G A 1 9  ? 0.167   10.249  0.360   1.00 0.84 ? 9  G A "H3'"  1 
ATOM 286 H "H2'"  . G A 1 9  ? -0.777  8.649   -1.200  1.00 0.62 ? 9  G A "H2'"  1 
ATOM 287 H "HO2'" . G A 1 9  ? 1.321   8.340   -1.668  1.00 0.70 ? 9  G A "HO2'" 1 
ATOM 288 H "H1'"  . G A 1 9  ? -0.186  6.461   0.851   1.00 0.43 ? 9  G A "H1'"  1 
ATOM 289 H H8     . G A 1 9  ? -2.842  7.704   -1.745  1.00 0.33 ? 9  G A H8     1 
ATOM 290 H H1     . G A 1 9  ? -1.959  1.369   -1.502  1.00 0.34 ? 9  G A H1     1 
ATOM 291 H H21    . G A 1 9  ? -0.722  0.844   0.247   1.00 0.41 ? 9  G A H21    1 
ATOM 292 H H22    . G A 1 9  ? 0.095   2.054   1.206   1.00 0.44 ? 9  G A H22    1 
ATOM 293 P P      . C A 1 10 ? 2.186   9.885   2.105   1.00 0.87 ? 10 C A P      1 
ATOM 294 O OP1    . C A 1 10 ? 2.265   9.646   3.563   1.00 0.90 ? 10 C A OP1    1 
ATOM 295 O OP2    . C A 1 10 ? 1.809   11.222  1.593   1.00 0.95 ? 10 C A OP2    1 
ATOM 296 O "O5'"  . C A 1 10 ? 3.591   9.472   1.448   1.00 1.01 ? 10 C A "O5'"  1 
ATOM 297 C "C5'"  . C A 1 10 ? 3.745   8.183   0.854   1.00 0.91 ? 10 C A "C5'"  1 
ATOM 298 C "C4'"  . C A 1 10 ? 3.467   7.068   1.867   1.00 0.82 ? 10 C A "C4'"  1 
ATOM 299 O "O4'"  . C A 1 10 ? 2.174   6.501   1.615   1.00 0.66 ? 10 C A "O4'"  1 
ATOM 300 C "C3'"  . C A 1 10 ? 4.405   5.880   1.786   1.00 0.78 ? 10 C A "C3'"  1 
ATOM 301 O "O3'"  . C A 1 10 ? 5.480   6.129   2.696   1.00 0.95 ? 10 C A "O3'"  1 
ATOM 302 C "C2'"  . C A 1 10 ? 3.576   4.752   2.366   1.00 0.71 ? 10 C A "C2'"  1 
ATOM 303 O "O2'"  . C A 1 10 ? 3.579   4.803   3.795   1.00 0.86 ? 10 C A "O2'"  1 
ATOM 304 C "C1'"  . C A 1 10 ? 2.193   5.072   1.813   1.00 0.58 ? 10 C A "C1'"  1 
ATOM 305 N N1     . C A 1 10 ? 1.953   4.398   0.518   1.00 0.43 ? 10 C A N1     1 
ATOM 306 C C2     . C A 1 10 ? 1.926   3.013   0.506   1.00 0.40 ? 10 C A C2     1 
ATOM 307 O O2     . C A 1 10 ? 2.108   2.383   1.547   1.00 0.51 ? 10 C A O2     1 
ATOM 308 N N3     . C A 1 10 ? 1.694   2.372   -0.672  1.00 0.30 ? 10 C A N3     1 
ATOM 309 C C4     . C A 1 10 ? 1.494   3.068   -1.799  1.00 0.25 ? 10 C A C4     1 
ATOM 310 N N4     . C A 1 10 ? 1.268   2.383   -2.921  1.00 0.27 ? 10 C A N4     1 
ATOM 311 C C5     . C A 1 10 ? 1.522   4.500   -1.793  1.00 0.31 ? 10 C A C5     1 
ATOM 312 C C6     . C A 1 10 ? 1.756   5.116   -0.619  1.00 0.39 ? 10 C A C6     1 
ATOM 313 H "H5'"  . C A 1 10 ? 4.765   8.089   0.474   1.00 1.00 ? 10 C A "H5'"  1 
ATOM 314 H "H5''" . C A 1 10 ? 3.047   8.091   0.023   1.00 0.82 ? 10 C A "H5''" 1 
ATOM 315 H "H4'"  . C A 1 10 ? 3.477   7.494   2.869   1.00 0.93 ? 10 C A "H4'"  1 
ATOM 316 H "H3'"  . C A 1 10 ? 4.759   5.679   0.775   1.00 0.71 ? 10 C A "H3'"  1 
ATOM 317 H "H2'"  . C A 1 10 ? 3.924   3.793   2.003   1.00 0.66 ? 10 C A "H2'"  1 
ATOM 318 H "HO2'" . C A 1 10 ? 4.167   5.516   4.054   1.00 1.29 ? 10 C A "HO2'" 1 
ATOM 319 H "H1'"  . C A 1 10 ? 1.409   4.787   2.518   1.00 0.59 ? 10 C A "H1'"  1 
ATOM 320 H H41    . C A 1 10 ? 1.174   1.377   -2.889  1.00 0.31 ? 10 C A H41    1 
ATOM 321 H H42    . C A 1 10 ? 1.189   2.870   -3.803  1.00 0.33 ? 10 C A H42    1 
ATOM 322 H H5     . C A 1 10 ? 1.349   5.080   -2.700  1.00 0.36 ? 10 C A H5     1 
ATOM 323 H H6     . C A 1 10 ? 1.811   6.198   -0.575  1.00 0.47 ? 10 C A H6     1 
ATOM 324 P P      . A A 1 11 ? 6.758   5.152   2.744   1.00 0.93 ? 11 A A P      1 
ATOM 325 O OP1    . A A 1 11 ? 7.675   5.640   3.797   1.00 1.09 ? 11 A A OP1    1 
ATOM 326 O OP2    . A A 1 11 ? 7.253   4.968   1.361   1.00 0.82 ? 11 A A OP2    1 
ATOM 327 O "O5'"  . A A 1 11 ? 6.118   3.760   3.238   1.00 0.90 ? 11 A A "O5'"  1 
ATOM 328 C "C5'"  . A A 1 11 ? 6.046   3.448   4.632   1.00 1.06 ? 11 A A "C5'"  1 
ATOM 329 C "C4'"  . A A 1 11 ? 5.895   1.948   4.860   1.00 1.10 ? 11 A A "C4'"  1 
ATOM 330 O "O4'"  . A A 1 11 ? 4.714   1.482   4.199   1.00 1.02 ? 11 A A "O4'"  1 
ATOM 331 C "C3'"  . A A 1 11 ? 7.008   1.108   4.263   1.00 1.05 ? 11 A A "C3'"  1 
ATOM 332 O "O3'"  . A A 1 11 ? 7.974   0.880   5.287   1.00 1.19 ? 11 A A "O3'"  1 
ATOM 333 C "C2'"  . A A 1 11 ? 6.347   -0.229  3.985   1.00 1.10 ? 11 A A "C2'"  1 
ATOM 334 O "O2'"  . A A 1 11 ? 6.411   -1.069  5.140   1.00 1.31 ? 11 A A "O2'"  1 
ATOM 335 C "C1'"  . A A 1 11 ? 4.907   0.156   3.675   1.00 1.01 ? 11 A A "C1'"  1 
ATOM 336 N N9     . A A 1 11 ? 4.678   0.178   2.223   1.00 0.87 ? 11 A A N9     1 
ATOM 337 C C8     . A A 1 11 ? 5.051   1.136   1.325   1.00 0.79 ? 11 A A C8     1 
ATOM 338 N N7     . A A 1 11 ? 4.752   0.845   0.088   1.00 0.72 ? 11 A A N7     1 
ATOM 339 C C5     . A A 1 11 ? 4.140   -0.399  0.182   1.00 0.76 ? 11 A A C5     1 
ATOM 340 C C6     . A A 1 11 ? 3.591   -1.264  -0.778  1.00 0.76 ? 11 A A C6     1 
ATOM 341 N N6     . A A 1 11 ? 3.568   -0.993  -2.084  1.00 0.74 ? 11 A A N6     1 
ATOM 342 N N1     . A A 1 11 ? 3.065   -2.421  -0.349  1.00 0.84 ? 11 A A N1     1 
ATOM 343 C C2     . A A 1 11 ? 3.085   -2.696  0.950   1.00 0.92 ? 11 A A C2     1 
ATOM 344 N N3     . A A 1 11 ? 3.567   -1.971  1.949   1.00 0.95 ? 11 A A N3     1 
ATOM 345 C C4     . A A 1 11 ? 4.088   -0.818  1.481   1.00 0.85 ? 11 A A C4     1 
ATOM 346 H "H5'"  . A A 1 11 ? 5.190   3.964   5.068   1.00 1.14 ? 11 A A "H5'"  1 
ATOM 347 H "H5''" . A A 1 11 ? 6.957   3.793   5.120   1.00 1.14 ? 11 A A "H5''" 1 
ATOM 348 H "H4'"  . A A 1 11 ? 5.803   1.759   5.930   1.00 1.26 ? 11 A A "H4'"  1 
ATOM 349 H "H3'"  . A A 1 11 ? 7.458   1.556   3.377   1.00 0.94 ? 11 A A "H3'"  1 
ATOM 350 H "H2'"  . A A 1 11 ? 6.803   -0.703  3.122   1.00 1.07 ? 11 A A "H2'"  1 
ATOM 351 H "HO2'" . A A 1 11 ? 6.826   -0.560  5.841   1.00 1.77 ? 11 A A "HO2'" 1 
ATOM 352 H "H1'"  . A A 1 11 ? 4.204   -0.529  4.147   1.00 1.08 ? 11 A A "H1'"  1 
ATOM 353 H H8     . A A 1 11 ? 5.579   2.040   1.616   1.00 0.80 ? 11 A A H8     1 
ATOM 354 H H61    . A A 1 11 ? 3.214   -1.679  -2.736  1.00 0.77 ? 11 A A H61    1 
ATOM 355 H H62    . A A 1 11 ? 3.905   -0.104  -2.423  1.00 0.72 ? 11 A A H62    1 
ATOM 356 H H2     . A A 1 11 ? 2.655   -3.656  1.234   1.00 1.01 ? 11 A A H2     1 
ATOM 357 P P      . C A 1 12 ? 9.333   0.085   4.952   1.00 1.22 ? 12 C A P      1 
ATOM 358 O OP1    . C A 1 12 ? 10.048  -0.164  6.223   1.00 1.35 ? 12 C A OP1    1 
ATOM 359 O OP2    . C A 1 12 ? 10.018  0.785   3.842   1.00 1.13 ? 12 C A OP2    1 
ATOM 360 O "O5'"  . C A 1 12 ? 8.786   -1.328  4.397   1.00 1.28 ? 12 C A "O5'"  1 
ATOM 361 C "C5'"  . C A 1 12 ? 8.667   -2.444  5.281   1.00 1.42 ? 12 C A "C5'"  1 
ATOM 362 C "C4'"  . C A 1 12 ? 7.942   -3.625  4.633   1.00 1.47 ? 12 C A "C4'"  1 
ATOM 363 O "O4'"  . C A 1 12 ? 6.884   -3.156  3.797   1.00 1.33 ? 12 C A "O4'"  1 
ATOM 364 C "C3'"  . C A 1 12 ? 8.776   -4.456  3.684   1.00 1.53 ? 12 C A "C3'"  1 
ATOM 365 O "O3'"  . C A 1 12 ? 9.462   -5.436  4.466   1.00 1.71 ? 12 C A "O3'"  1 
ATOM 366 C "C2'"  . C A 1 12 ? 7.715   -5.183  2.877   1.00 1.53 ? 12 C A "C2'"  1 
ATOM 367 O "O2'"  . C A 1 12 ? 7.233   -6.318  3.598   1.00 1.67 ? 12 C A "O2'"  1 
ATOM 368 C "C1'"  . C A 1 12 ? 6.622   -4.116  2.752   1.00 1.35 ? 12 C A "C1'"  1 
ATOM 369 N N1     . C A 1 12 ? 6.663   -3.423  1.438   1.00 1.22 ? 12 C A N1     1 
ATOM 370 C C2     . C A 1 12 ? 5.767   -3.832  0.455   1.00 1.19 ? 12 C A C2     1 
ATOM 371 O O2     . C A 1 12 ? 4.978   -4.747  0.681   1.00 1.26 ? 12 C A O2     1 
ATOM 372 N N3     . C A 1 12 ? 5.787   -3.202  -0.752  1.00 1.11 ? 12 C A N3     1 
ATOM 373 C C4     . C A 1 12 ? 6.651   -2.207  -0.990  1.00 1.07 ? 12 C A C4     1 
ATOM 374 N N4     . C A 1 12 ? 6.614   -1.623  -2.188  1.00 1.04 ? 12 C A N4     1 
ATOM 375 C C5     . C A 1 12 ? 7.578   -1.782  0.014   1.00 1.09 ? 12 C A C5     1 
ATOM 376 C C6     . C A 1 12 ? 7.550   -2.411  1.204   1.00 1.16 ? 12 C A C6     1 
ATOM 377 H "H5'"  . C A 1 12 ? 8.115   -2.133  6.168   1.00 1.42 ? 12 C A "H5'"  1 
ATOM 378 H "H5''" . C A 1 12 ? 9.666   -2.766  5.580   1.00 1.53 ? 12 C A "H5''" 1 
ATOM 379 H "H4'"  . C A 1 12 ? 7.520   -4.253  5.416   1.00 1.58 ? 12 C A "H4'"  1 
ATOM 380 H "H3'"  . C A 1 12 ? 9.457   -3.865  3.072   1.00 1.46 ? 12 C A "H3'"  1 
ATOM 381 H "H2'"  . C A 1 12 ? 8.094   -5.469  1.898   1.00 1.55 ? 12 C A "H2'"  1 
ATOM 382 H "HO2'" . C A 1 12 ? 7.766   -6.397  4.393   1.00 2.01 ? 12 C A "HO2'" 1 
ATOM 383 H "H1'"  . C A 1 12 ? 5.636   -4.555  2.914   1.00 1.35 ? 12 C A "H1'"  1 
ATOM 384 H H41    . C A 1 12 ? 5.942   -1.927  -2.879  1.00 1.05 ? 12 C A H41    1 
ATOM 385 H H42    . C A 1 12 ? 7.259   -0.875  -2.406  1.00 1.03 ? 12 C A H42    1 
ATOM 386 H H5     . C A 1 12 ? 8.286   -0.974  -0.170  1.00 1.07 ? 12 C A H5     1 
ATOM 387 H H6     . C A 1 12 ? 8.252   -2.118  1.985   1.00 1.20 ? 12 C A H6     1 
ATOM 388 P P      . C A 1 13 ? 10.826  -6.101  3.928   1.00 1.85 ? 13 C A P      1 
ATOM 389 O OP1    . C A 1 13 ? 11.312  -7.051  4.954   1.00 2.04 ? 13 C A OP1    1 
ATOM 390 O OP2    . C A 1 13 ? 11.711  -5.017  3.448   1.00 1.75 ? 13 C A OP2    1 
ATOM 391 O "O5'"  . C A 1 13 ? 10.326  -6.949  2.652   1.00 1.91 ? 13 C A "O5'"  1 
ATOM 392 C "C5'"  . C A 1 13 ? 9.556   -8.141  2.831   1.00 2.03 ? 13 C A "C5'"  1 
ATOM 393 C "C4'"  . C A 1 13 ? 8.983   -8.644  1.509   1.00 2.07 ? 13 C A "C4'"  1 
ATOM 394 O "O4'"  . C A 1 13 ? 8.115   -7.655  0.966   1.00 1.87 ? 13 C A "O4'"  1 
ATOM 395 C "C3'"  . C A 1 13 ? 10.008  -8.866  0.413   1.00 2.17 ? 13 C A "C3'"  1 
ATOM 396 O "O3'"  . C A 1 13 ? 10.602  -10.161 0.534   1.00 2.41 ? 13 C A "O3'"  1 
ATOM 397 C "C2'"  . C A 1 13 ? 9.144   -8.788  -0.845  1.00 2.12 ? 13 C A "C2'"  1 
ATOM 398 O "O2'"  . C A 1 13 ? 8.567   -10.064 -1.133  1.00 2.27 ? 13 C A "O2'"  1 
ATOM 399 C "C1'"  . C A 1 13 ? 8.051   -7.785  -0.459  1.00 1.88 ? 13 C A "C1'"  1 
ATOM 400 N N1     . C A 1 13 ? 8.282   -6.448  -1.063  1.00 1.74 ? 13 C A N1     1 
ATOM 401 C C2     . C A 1 13 ? 7.545   -6.096  -2.189  1.00 1.65 ? 13 C A C2     1 
ATOM 402 O O2     . C A 1 13 ? 6.728   -6.882  -2.661  1.00 1.69 ? 13 C A O2     1 
ATOM 403 N N3     . C A 1 13 ? 7.753   -4.872  -2.751  1.00 1.55 ? 13 C A N3     1 
ATOM 404 C C4     . C A 1 13 ? 8.650   -4.025  -2.229  1.00 1.54 ? 13 C A C4     1 
ATOM 405 N N4     . C A 1 13 ? 8.811   -2.843  -2.824  1.00 1.47 ? 13 C A N4     1 
ATOM 406 C C5     . C A 1 13 ? 9.411   -4.380  -1.071  1.00 1.63 ? 13 C A C5     1 
ATOM 407 C C6     . C A 1 13 ? 9.197   -5.593  -0.526  1.00 1.73 ? 13 C A C6     1 
ATOM 408 H "H5'"  . C A 1 13 ? 8.735   -7.933  3.517   1.00 1.97 ? 13 C A "H5'"  1 
ATOM 409 H "H5''" . C A 1 13 ? 10.193  -8.914  3.259   1.00 2.19 ? 13 C A "H5''" 1 
ATOM 410 H "H4'"  . C A 1 13 ? 8.414   -9.555  1.694   1.00 2.17 ? 13 C A "H4'"  1 
ATOM 411 H "H3'"  . C A 1 13 ? 10.765  -8.081  0.418   1.00 2.12 ? 13 C A "H3'"  1 
ATOM 412 H "HO3'" . C A 1 13 ? 9.887   -10.799 0.582   1.00 2.59 ? 13 C A "HO3'" 1 
ATOM 413 H "H2'"  . C A 1 13 ? 9.725   -8.420  -1.690  1.00 2.16 ? 13 C A "H2'"  1 
ATOM 414 H "HO2'" . C A 1 13 ? 7.816   -10.177 -0.545  1.00 2.54 ? 13 C A "HO2'" 1 
ATOM 415 H "H1'"  . C A 1 13 ? 7.063   -8.159  -0.738  1.00 1.84 ? 13 C A "H1'"  1 
ATOM 416 H H41    . C A 1 13 ? 8.229   -2.589  -3.609  1.00 1.44 ? 13 C A H41    1 
ATOM 417 H H42    . C A 1 13 ? 9.517   -2.201  -2.491  1.00 1.48 ? 13 C A H42    1 
ATOM 418 H H5     . C A 1 13 ? 10.142  -3.697  -0.638  1.00 1.64 ? 13 C A H5     1 
ATOM 419 H H6     . C A 1 13 ? 9.767   -5.898  0.350   1.00 1.82 ? 13 C A H6     1 
# 
